data_9JLW
#
_entry.id   9JLW
#
_cell.length_a   61.420
_cell.length_b   41.150
_cell.length_c   193.210
_cell.angle_alpha   90.00
_cell.angle_beta   94.48
_cell.angle_gamma   90.00
#
_symmetry.space_group_name_H-M   'P 1 2 1'
#
loop_
_entity.id
_entity.type
_entity.pdbx_description
1 polymer 'Glycoside hydrolase family 57 N-terminal domain-containing protein'
2 branched alpha-D-glucopyranose-(1-4)-alpha-D-glucopyranose-(1-4)-alpha-D-glucopyranose-(1-4)-alpha-D-glucopyranose-(1-4)-alpha-D-glucopyranose-(1-4)-alpha-D-glucopyranose-(1-4)-alpha-D-glucopyranose
3 branched alpha-D-glucopyranose-(1-4)-alpha-D-glucopyranose-(1-4)-alpha-D-glucopyranose-(1-4)-alpha-D-glucopyranose-(1-4)-alpha-D-glucopyranose-(1-4)-alpha-D-glucopyranose
4 non-polymer GLYCEROL
5 water water
#
_entity_poly.entity_id   1
_entity_poly.type   'polypeptide(L)'
_entity_poly.pdbx_seq_one_letter_code
;MKKLFLVFWWHMHQPLYREPYTGEYLLPWTFFHAVKDYYDMPAYLKDFEIKLNFNLTPVLIDQIQEYAQGKAKDVFLEAI
RKDPDDLEKEEVEKLIEFTKLNYEKPIYRFERIRELMNKEKLNREELLDLQTLNLLAWCGRTLRKDLKDLLNKGRNYTQE
EKEYVLNKYFEIIKKTLSIYREIKEEGKGSVSTSPYYHPLIPILLNPNCVYETTPNVKIPDFAVSFREDASKHVELAKEK
YFEIFGEHPVYMWPPEASVSNEALELYYEKGINMLATDEVILKNSVERASPYLRYYFRELISVFFRDKTLSDLIGFSYHA
WNAEDAVRDFIGRLKKIHESVDFQPVVFVVLNGENCWEYYEENGIPFLEKLYSTLEKEEWIETLTLEEAMRKEDVKTEVI
ESVKAGTWFDGNFLKWIGNKEKNEYWKILIEAKKKAKNDYILVAEGSDWFWWQGEEKAPFVEVFDKLFRSFVRRAQE
;
_entity_poly.pdbx_strand_id   A,B
#
# COMPACT_ATOMS: atom_id res chain seq x y z
N LYS A 2 -3.86 13.31 15.86
CA LYS A 2 -2.43 13.13 16.06
C LYS A 2 -1.77 12.56 14.80
N LYS A 3 -0.79 13.26 14.28
CA LYS A 3 -0.08 12.83 13.08
C LYS A 3 1.33 12.38 13.43
N LEU A 4 1.89 11.56 12.56
CA LEU A 4 3.31 11.28 12.54
C LEU A 4 3.91 12.07 11.38
N PHE A 5 4.94 12.85 11.67
CA PHE A 5 5.58 13.67 10.65
C PHE A 5 6.79 12.93 10.11
N LEU A 6 6.82 12.71 8.80
CA LEU A 6 7.86 11.95 8.14
C LEU A 6 8.63 12.87 7.20
N VAL A 7 9.96 12.83 7.27
CA VAL A 7 10.81 13.71 6.48
C VAL A 7 11.85 12.86 5.76
N PHE A 8 11.67 12.69 4.44
CA PHE A 8 12.67 12.03 3.62
C PHE A 8 13.72 13.07 3.22
N TRP A 9 14.99 12.72 3.33
CA TRP A 9 16.06 13.62 2.91
C TRP A 9 17.10 12.77 2.18
N TRP A 10 17.08 12.84 0.85
CA TRP A 10 17.95 12.05 -0.02
C TRP A 10 19.21 12.85 -0.33
N HIS A 11 20.37 12.29 -0.02
CA HIS A 11 21.65 12.98 -0.20
C HIS A 11 22.31 12.50 -1.49
N MET A 12 22.65 13.45 -2.37
CA MET A 12 23.25 13.15 -3.67
C MET A 12 24.63 13.79 -3.75
N HIS A 13 25.63 12.99 -4.08
CA HIS A 13 27.00 13.48 -4.10
C HIS A 13 27.84 12.61 -5.02
N GLN A 14 28.81 13.23 -5.69
CA GLN A 14 29.88 12.51 -6.37
C GLN A 14 31.12 13.38 -6.19
N PRO A 15 32.27 12.77 -5.88
CA PRO A 15 33.52 13.52 -5.90
C PRO A 15 33.86 13.96 -7.32
N LEU A 16 34.82 14.87 -7.43
CA LEU A 16 35.20 15.39 -8.74
C LEU A 16 36.00 14.33 -9.49
N TYR A 17 35.44 13.78 -10.57
CA TYR A 17 36.13 12.74 -11.33
C TYR A 17 36.99 13.33 -12.45
N ARG A 18 37.02 14.64 -12.57
CA ARG A 18 37.67 15.30 -13.69
C ARG A 18 39.14 15.53 -13.37
N GLU A 19 40.01 14.87 -14.11
CA GLU A 19 41.44 15.02 -13.92
C GLU A 19 41.87 16.45 -14.27
N PRO A 20 42.57 17.15 -13.37
CA PRO A 20 42.79 18.59 -13.57
C PRO A 20 43.71 18.95 -14.72
N TYR A 21 44.55 18.04 -15.19
CA TYR A 21 45.46 18.40 -16.26
C TYR A 21 44.89 18.08 -17.64
N THR A 22 44.29 16.91 -17.81
CA THR A 22 43.70 16.52 -19.08
C THR A 22 42.25 16.97 -19.21
N GLY A 23 41.58 17.23 -18.09
CA GLY A 23 40.16 17.52 -18.12
C GLY A 23 39.28 16.33 -18.38
N GLU A 24 39.82 15.12 -18.35
CA GLU A 24 39.06 13.91 -18.63
C GLU A 24 38.35 13.43 -17.37
N TYR A 25 37.09 13.03 -17.52
CA TYR A 25 36.39 12.35 -16.43
C TYR A 25 36.84 10.89 -16.42
N LEU A 26 37.58 10.52 -15.39
CA LEU A 26 38.28 9.24 -15.34
C LEU A 26 37.38 8.08 -14.93
N LEU A 27 36.23 8.36 -14.32
CA LEU A 27 35.21 7.38 -14.03
C LEU A 27 33.87 7.96 -14.46
N PRO A 28 32.91 7.12 -14.81
CA PRO A 28 31.63 7.59 -15.36
C PRO A 28 30.50 7.67 -14.34
N TRP A 29 30.81 7.60 -13.06
CA TRP A 29 29.76 7.41 -12.06
C TRP A 29 28.82 8.59 -11.98
N THR A 30 29.32 9.82 -12.22
CA THR A 30 28.40 10.95 -12.23
C THR A 30 27.40 10.82 -13.37
N PHE A 31 27.86 10.43 -14.55
CA PHE A 31 26.96 10.22 -15.68
C PHE A 31 25.91 9.16 -15.34
N PHE A 32 26.35 8.00 -14.85
CA PHE A 32 25.41 6.90 -14.65
C PHE A 32 24.43 7.19 -13.54
N HIS A 33 24.87 7.82 -12.44
CA HIS A 33 23.90 8.16 -11.41
C HIS A 33 23.04 9.35 -11.83
N ALA A 34 23.51 10.21 -12.73
CA ALA A 34 22.63 11.26 -13.25
C ALA A 34 21.52 10.68 -14.13
N VAL A 35 21.83 9.76 -15.03
CA VAL A 35 20.78 9.24 -15.90
C VAL A 35 19.84 8.30 -15.15
N LYS A 36 20.32 7.66 -14.08
CA LYS A 36 19.51 6.67 -13.37
C LYS A 36 18.76 7.27 -12.18
N ASP A 37 19.43 8.12 -11.38
CA ASP A 37 18.89 8.52 -10.07
C ASP A 37 18.70 10.02 -9.87
N TYR A 38 19.58 10.86 -10.40
CA TYR A 38 19.55 12.27 -9.98
C TYR A 38 18.36 13.04 -10.55
N TYR A 39 17.92 12.69 -11.77
CA TYR A 39 16.64 13.20 -12.24
C TYR A 39 15.47 12.44 -11.64
N ASP A 40 15.56 11.11 -11.56
CA ASP A 40 14.38 10.30 -11.36
C ASP A 40 13.91 10.30 -9.90
N MET A 41 14.83 10.42 -8.95
CA MET A 41 14.40 10.49 -7.55
C MET A 41 13.48 11.67 -7.30
N PRO A 42 13.84 12.91 -7.64
CA PRO A 42 12.84 14.01 -7.52
C PRO A 42 11.65 13.88 -8.48
N ALA A 43 11.84 13.25 -9.65
CA ALA A 43 10.73 13.07 -10.60
C ALA A 43 9.61 12.17 -10.07
N TYR A 44 9.84 11.39 -9.00
CA TYR A 44 8.72 10.69 -8.36
C TYR A 44 7.65 11.68 -7.88
N LEU A 45 8.04 12.92 -7.53
CA LEU A 45 7.09 13.90 -7.04
C LEU A 45 6.08 14.32 -8.09
N LYS A 46 6.32 14.00 -9.36
CA LYS A 46 5.32 14.29 -10.40
C LYS A 46 4.16 13.31 -10.36
N ASP A 47 4.36 12.11 -9.80
CA ASP A 47 3.34 11.09 -9.80
C ASP A 47 2.74 10.80 -8.43
N PHE A 48 3.37 11.25 -7.35
CA PHE A 48 2.89 10.99 -6.00
C PHE A 48 2.80 12.30 -5.22
N GLU A 49 1.67 12.52 -4.54
CA GLU A 49 1.45 13.76 -3.78
C GLU A 49 1.98 13.55 -2.37
N ILE A 50 3.31 13.65 -2.27
CA ILE A 50 4.02 13.61 -1.01
C ILE A 50 5.11 14.66 -1.09
N LYS A 51 5.74 14.92 0.06
CA LYS A 51 6.94 15.74 0.13
C LYS A 51 8.18 14.84 0.20
N LEU A 52 9.20 15.19 -0.58
CA LEU A 52 10.52 14.55 -0.55
C LEU A 52 11.58 15.64 -0.66
N ASN A 53 12.62 15.57 0.20
CA ASN A 53 13.71 16.55 0.24
C ASN A 53 15.01 15.94 -0.27
N PHE A 54 15.90 16.81 -0.75
CA PHE A 54 17.12 16.38 -1.42
C PHE A 54 18.27 17.26 -1.00
N ASN A 55 19.44 16.67 -0.92
CA ASN A 55 20.69 17.40 -0.76
C ASN A 55 21.51 17.24 -2.02
N LEU A 56 22.04 18.34 -2.53
CA LEU A 56 22.91 18.32 -3.70
C LEU A 56 24.22 18.98 -3.33
N THR A 57 25.31 18.23 -3.38
CA THR A 57 26.58 18.87 -3.12
C THR A 57 26.98 19.76 -4.30
N PRO A 58 27.71 20.83 -4.04
CA PRO A 58 28.13 21.72 -5.12
C PRO A 58 29.05 21.06 -6.14
N VAL A 59 30.00 20.24 -5.68
CA VAL A 59 30.85 19.49 -6.60
C VAL A 59 30.01 18.62 -7.53
N LEU A 60 28.95 17.99 -7.01
CA LEU A 60 28.10 17.21 -7.91
C LEU A 60 27.38 18.10 -8.90
N ILE A 61 26.82 19.23 -8.43
CA ILE A 61 26.15 20.17 -9.32
C ILE A 61 27.08 20.59 -10.45
N ASP A 62 28.35 20.88 -10.12
CA ASP A 62 29.32 21.27 -11.15
C ASP A 62 29.40 20.24 -12.26
N GLN A 63 29.50 18.96 -11.90
CA GLN A 63 29.67 17.92 -12.90
C GLN A 63 28.40 17.71 -13.71
N ILE A 64 27.24 17.73 -13.04
CA ILE A 64 25.97 17.67 -13.76
C ILE A 64 25.90 18.77 -14.81
N GLN A 65 26.34 19.99 -14.45
CA GLN A 65 26.33 21.09 -15.40
C GLN A 65 27.25 20.82 -16.57
N GLU A 66 28.44 20.28 -16.28
CA GLU A 66 29.40 20.05 -17.35
C GLU A 66 28.89 18.99 -18.33
N TYR A 67 28.21 17.95 -17.83
CA TYR A 67 27.62 16.97 -18.72
C TYR A 67 26.45 17.57 -19.50
N ALA A 68 25.58 18.33 -18.84
CA ALA A 68 24.43 18.91 -19.54
C ALA A 68 24.87 19.85 -20.65
N GLN A 69 25.97 20.57 -20.45
CA GLN A 69 26.53 21.46 -21.46
C GLN A 69 27.34 20.73 -22.52
N GLY A 70 27.49 19.41 -22.41
CA GLY A 70 28.29 18.67 -23.37
C GLY A 70 29.77 18.96 -23.33
N LYS A 71 30.30 19.40 -22.19
CA LYS A 71 31.72 19.67 -22.05
C LYS A 71 32.48 18.57 -21.30
N ALA A 72 31.78 17.58 -20.77
CA ALA A 72 32.41 16.51 -19.99
C ALA A 72 33.08 15.49 -20.91
N LYS A 73 34.42 15.39 -20.84
CA LYS A 73 35.18 14.40 -21.59
C LYS A 73 35.30 13.13 -20.75
N ASP A 74 34.31 12.24 -20.90
CA ASP A 74 34.17 11.05 -20.06
C ASP A 74 34.81 9.87 -20.78
N VAL A 75 35.93 9.38 -20.26
CA VAL A 75 36.70 8.37 -20.99
C VAL A 75 35.91 7.09 -21.16
N PHE A 76 35.25 6.63 -20.09
CA PHE A 76 34.49 5.39 -20.23
C PHE A 76 33.30 5.57 -21.16
N LEU A 77 32.68 6.75 -21.17
CA LEU A 77 31.54 6.99 -22.04
C LEU A 77 31.95 7.02 -23.51
N GLU A 78 33.14 7.52 -23.83
CA GLU A 78 33.56 7.49 -25.23
C GLU A 78 33.77 6.07 -25.71
N ALA A 79 34.17 5.17 -24.83
CA ALA A 79 34.27 3.76 -25.21
C ALA A 79 32.89 3.14 -25.45
N ILE A 80 31.87 3.68 -24.79
CA ILE A 80 30.50 3.22 -25.02
C ILE A 80 29.97 3.75 -26.34
N ARG A 81 30.22 5.02 -26.62
CA ARG A 81 29.60 5.69 -27.77
C ARG A 81 30.21 5.25 -29.10
N LYS A 82 31.50 4.91 -29.13
CA LYS A 82 32.17 4.61 -30.40
C LYS A 82 31.61 3.35 -31.06
N ASP A 83 31.63 3.36 -32.39
CA ASP A 83 31.47 2.11 -33.12
C ASP A 83 32.54 1.14 -32.65
N PRO A 84 32.19 -0.13 -32.38
CA PRO A 84 33.19 -1.07 -31.82
C PRO A 84 34.44 -1.25 -32.68
N ASP A 85 34.33 -1.08 -34.00
CA ASP A 85 35.48 -1.11 -34.90
C ASP A 85 36.47 0.01 -34.59
N ASP A 86 36.02 1.05 -33.91
CA ASP A 86 36.85 2.19 -33.56
C ASP A 86 37.47 2.05 -32.18
N LEU A 87 37.08 1.04 -31.41
CA LEU A 87 37.56 0.87 -30.05
C LEU A 87 39.05 0.53 -29.99
N GLU A 88 39.76 1.18 -29.08
CA GLU A 88 41.10 0.77 -28.74
C GLU A 88 41.06 -0.49 -27.89
N LYS A 89 42.13 -1.29 -27.98
CA LYS A 89 42.23 -2.48 -27.14
C LYS A 89 42.03 -2.13 -25.66
N GLU A 90 42.56 -0.98 -25.21
CA GLU A 90 42.35 -0.57 -23.82
C GLU A 90 40.89 -0.28 -23.53
N GLU A 91 40.17 0.25 -24.52
CA GLU A 91 38.77 0.61 -24.29
C GLU A 91 37.91 -0.64 -24.17
N VAL A 92 38.20 -1.66 -24.98
CA VAL A 92 37.51 -2.94 -24.84
C VAL A 92 37.77 -3.54 -23.46
N GLU A 93 39.03 -3.55 -23.01
CA GLU A 93 39.32 -4.07 -21.68
C GLU A 93 38.57 -3.28 -20.61
N LYS A 94 38.56 -1.95 -20.73
CA LYS A 94 37.85 -1.12 -19.77
C LYS A 94 36.36 -1.44 -19.75
N LEU A 95 35.78 -1.67 -20.94
CA LEU A 95 34.37 -2.03 -21.04
C LEU A 95 34.09 -3.37 -20.38
N ILE A 96 34.95 -4.35 -20.62
CA ILE A 96 34.78 -5.67 -20.02
C ILE A 96 34.97 -5.59 -18.50
N GLU A 97 35.99 -4.88 -18.05
CA GLU A 97 36.22 -4.77 -16.60
C GLU A 97 35.03 -4.12 -15.92
N PHE A 98 34.49 -3.06 -16.54
CA PHE A 98 33.33 -2.36 -15.97
C PHE A 98 32.11 -3.26 -15.88
N THR A 99 31.82 -4.01 -16.95
CA THR A 99 30.75 -5.00 -16.92
C THR A 99 30.95 -5.99 -15.78
N LYS A 100 32.17 -6.52 -15.67
CA LYS A 100 32.46 -7.51 -14.65
C LYS A 100 32.25 -6.95 -13.24
N LEU A 101 32.55 -5.67 -13.05
CA LEU A 101 32.36 -5.04 -11.76
C LEU A 101 30.88 -4.99 -11.38
N ASN A 102 30.01 -4.76 -12.36
CA ASN A 102 28.58 -4.59 -12.09
C ASN A 102 27.77 -5.86 -12.36
N TYR A 103 28.44 -6.96 -12.68
CA TYR A 103 27.79 -8.12 -13.30
C TYR A 103 26.69 -8.71 -12.40
N GLU A 104 26.89 -8.73 -11.09
CA GLU A 104 25.94 -9.39 -10.20
C GLU A 104 24.85 -8.45 -9.68
N LYS A 105 24.84 -7.19 -10.12
CA LYS A 105 23.80 -6.26 -9.70
C LYS A 105 22.48 -6.59 -10.39
N PRO A 106 21.36 -6.49 -9.68
CA PRO A 106 20.06 -6.78 -10.31
C PRO A 106 19.79 -5.95 -11.56
N ILE A 107 20.21 -4.69 -11.59
CA ILE A 107 19.98 -3.88 -12.78
C ILE A 107 20.77 -4.38 -13.97
N TYR A 108 21.79 -5.23 -13.75
CA TYR A 108 22.55 -5.84 -14.84
C TYR A 108 22.01 -7.21 -15.22
N ARG A 109 20.83 -7.60 -14.75
CA ARG A 109 20.33 -8.92 -15.05
C ARG A 109 19.68 -8.89 -16.44
N PHE A 110 20.53 -9.00 -17.46
CA PHE A 110 20.12 -9.26 -18.84
C PHE A 110 20.77 -10.56 -19.27
N GLU A 111 19.97 -11.49 -19.79
CA GLU A 111 20.54 -12.78 -20.21
C GLU A 111 21.66 -12.57 -21.23
N ARG A 112 21.53 -11.56 -22.10
CA ARG A 112 22.56 -11.34 -23.10
C ARG A 112 23.91 -10.99 -22.47
N ILE A 113 23.91 -10.35 -21.29
CA ILE A 113 25.16 -10.05 -20.62
C ILE A 113 25.84 -11.33 -20.16
N ARG A 114 25.06 -12.28 -19.62
CA ARG A 114 25.62 -13.58 -19.26
C ARG A 114 26.26 -14.26 -20.46
N GLU A 115 25.63 -14.16 -21.63
CA GLU A 115 26.17 -14.80 -22.82
C GLU A 115 27.49 -14.15 -23.25
N LEU A 116 27.54 -12.82 -23.27
CA LEU A 116 28.72 -12.11 -23.74
C LEU A 116 29.93 -12.37 -22.84
N MET A 117 29.71 -12.38 -21.53
CA MET A 117 30.82 -12.61 -20.60
C MET A 117 31.26 -14.06 -20.54
N ASN A 118 30.53 -14.97 -21.19
CA ASN A 118 30.93 -16.37 -21.27
C ASN A 118 31.52 -16.72 -22.63
N LYS A 119 31.77 -15.72 -23.48
CA LYS A 119 32.36 -15.93 -24.79
C LYS A 119 33.85 -15.63 -24.75
N GLU A 120 34.61 -16.41 -25.51
CA GLU A 120 36.06 -16.24 -25.52
C GLU A 120 36.45 -14.91 -26.15
N LYS A 121 35.91 -14.62 -27.33
CA LYS A 121 36.14 -13.37 -28.03
C LYS A 121 34.79 -12.79 -28.46
N LEU A 122 34.75 -11.48 -28.67
CA LEU A 122 33.51 -10.82 -29.06
C LEU A 122 33.71 -10.09 -30.38
N ASN A 123 32.78 -10.30 -31.31
CA ASN A 123 32.82 -9.61 -32.59
C ASN A 123 32.15 -8.25 -32.46
N ARG A 124 31.96 -7.57 -33.58
CA ARG A 124 31.41 -6.20 -33.55
C ARG A 124 29.98 -6.18 -33.03
N GLU A 125 29.13 -7.10 -33.51
CA GLU A 125 27.76 -7.19 -33.01
C GLU A 125 27.72 -7.41 -31.50
N GLU A 126 28.60 -8.27 -31.00
CA GLU A 126 28.56 -8.58 -29.57
C GLU A 126 29.07 -7.42 -28.73
N LEU A 127 30.05 -6.66 -29.23
CA LEU A 127 30.50 -5.48 -28.49
C LEU A 127 29.43 -4.39 -28.45
N LEU A 128 28.67 -4.22 -29.54
CA LEU A 128 27.58 -3.25 -29.55
C LEU A 128 26.53 -3.57 -28.50
N ASP A 129 26.23 -4.85 -28.33
CA ASP A 129 25.32 -5.25 -27.26
C ASP A 129 25.93 -4.96 -25.89
N LEU A 130 27.22 -5.25 -25.72
CA LEU A 130 27.86 -4.99 -24.44
C LEU A 130 27.86 -3.51 -24.11
N GLN A 131 28.20 -2.67 -25.09
CA GLN A 131 28.10 -1.22 -24.95
C GLN A 131 26.68 -0.80 -24.59
N THR A 132 25.69 -1.25 -25.36
CA THR A 132 24.34 -0.73 -25.21
C THR A 132 23.69 -1.26 -23.93
N LEU A 133 23.98 -2.51 -23.58
CA LEU A 133 23.39 -3.08 -22.37
C LEU A 133 23.99 -2.46 -21.11
N ASN A 134 25.25 -1.99 -21.18
CA ASN A 134 25.81 -1.23 -20.05
C ASN A 134 25.09 0.10 -19.87
N LEU A 135 24.80 0.80 -20.98
CA LEU A 135 23.95 1.98 -20.92
C LEU A 135 22.59 1.66 -20.33
N LEU A 136 21.91 0.64 -20.88
CA LEU A 136 20.51 0.38 -20.52
C LEU A 136 20.35 -0.11 -19.09
N ALA A 137 21.37 -0.76 -18.54
CA ALA A 137 21.31 -1.21 -17.16
C ALA A 137 21.22 -0.05 -16.17
N TRP A 138 21.68 1.14 -16.57
CA TRP A 138 21.58 2.31 -15.72
C TRP A 138 20.37 3.16 -16.08
N CYS A 139 19.41 2.59 -16.80
CA CYS A 139 18.23 3.34 -17.21
C CYS A 139 17.37 3.71 -16.01
N GLY A 140 16.99 4.99 -15.93
CA GLY A 140 16.14 5.43 -14.84
C GLY A 140 14.67 5.17 -15.06
N ARG A 141 13.88 5.47 -14.03
CA ARG A 141 12.45 5.15 -14.07
C ARG A 141 11.73 5.79 -15.26
N THR A 142 12.03 7.06 -15.55
CA THR A 142 11.31 7.76 -16.61
C THR A 142 11.57 7.11 -17.97
N LEU A 143 12.83 6.92 -18.32
CA LEU A 143 13.12 6.33 -19.62
C LEU A 143 12.90 4.81 -19.63
N ARG A 144 12.82 4.16 -18.47
CA ARG A 144 12.39 2.76 -18.45
C ARG A 144 10.99 2.62 -19.00
N LYS A 145 10.15 3.62 -18.77
CA LYS A 145 8.83 3.63 -19.39
C LYS A 145 8.93 4.01 -20.86
N ASP A 146 9.74 5.03 -21.18
CA ASP A 146 9.78 5.54 -22.55
C ASP A 146 10.51 4.58 -23.49
N LEU A 147 11.60 3.96 -23.04
CA LEU A 147 12.40 3.09 -23.88
C LEU A 147 12.10 1.62 -23.68
N LYS A 148 10.88 1.29 -23.22
CA LYS A 148 10.61 -0.08 -22.79
C LYS A 148 10.86 -1.09 -23.92
N ASP A 149 10.61 -0.71 -25.18
CA ASP A 149 10.73 -1.67 -26.28
C ASP A 149 12.18 -2.01 -26.58
N LEU A 150 13.09 -1.02 -26.51
CA LEU A 150 14.51 -1.33 -26.64
C LEU A 150 15.01 -2.12 -25.44
N LEU A 151 14.51 -1.80 -24.23
CA LEU A 151 14.92 -2.53 -23.03
C LEU A 151 14.55 -4.00 -23.13
N ASN A 152 13.30 -4.30 -23.50
CA ASN A 152 12.83 -5.67 -23.63
C ASN A 152 13.44 -6.39 -24.83
N LYS A 153 14.01 -5.64 -25.77
CA LYS A 153 14.78 -6.24 -26.85
C LYS A 153 15.88 -7.13 -26.30
N GLY A 154 16.68 -6.58 -25.38
CA GLY A 154 17.65 -7.34 -24.63
C GLY A 154 18.92 -7.71 -25.37
N ARG A 155 19.00 -7.48 -26.68
CA ARG A 155 20.11 -8.01 -27.48
C ARG A 155 20.00 -7.40 -28.87
N ASN A 156 21.04 -7.64 -29.68
CA ASN A 156 21.07 -7.27 -31.11
C ASN A 156 20.87 -5.77 -31.33
N TYR A 157 21.61 -4.97 -30.59
CA TYR A 157 21.48 -3.52 -30.66
C TYR A 157 22.31 -2.96 -31.82
N THR A 158 21.79 -1.91 -32.44
CA THR A 158 22.53 -1.23 -33.49
C THR A 158 23.14 0.05 -32.95
N GLN A 159 24.18 0.52 -33.66
CA GLN A 159 24.76 1.83 -33.35
C GLN A 159 23.69 2.91 -33.25
N GLU A 160 22.69 2.86 -34.15
CA GLU A 160 21.66 3.91 -34.14
C GLU A 160 20.82 3.86 -32.88
N GLU A 161 20.44 2.66 -32.46
CA GLU A 161 19.68 2.49 -31.23
C GLU A 161 20.51 2.92 -30.02
N LYS A 162 21.81 2.60 -30.02
CA LYS A 162 22.67 3.03 -28.91
C LYS A 162 22.76 4.54 -28.82
N GLU A 163 22.94 5.21 -29.96
CA GLU A 163 22.99 6.66 -30.00
C GLU A 163 21.65 7.28 -29.64
N TYR A 164 20.54 6.63 -29.98
CA TYR A 164 19.23 7.11 -29.55
C TYR A 164 19.14 7.11 -28.03
N VAL A 165 19.54 6.00 -27.40
CA VAL A 165 19.55 5.91 -25.95
C VAL A 165 20.42 7.00 -25.35
N LEU A 166 21.65 7.15 -25.86
CA LEU A 166 22.56 8.19 -25.38
C LEU A 166 21.90 9.58 -25.46
N ASN A 167 21.23 9.87 -26.58
CA ASN A 167 20.54 11.16 -26.74
C ASN A 167 19.48 11.35 -25.68
N LYS A 168 18.68 10.31 -25.42
CA LYS A 168 17.66 10.45 -24.40
C LYS A 168 18.28 10.62 -23.02
N TYR A 169 19.41 9.98 -22.76
CA TYR A 169 20.06 10.12 -21.46
C TYR A 169 20.53 11.55 -21.25
N PHE A 170 21.13 12.17 -22.27
CA PHE A 170 21.59 13.54 -22.13
C PHE A 170 20.42 14.51 -22.01
N GLU A 171 19.29 14.20 -22.63
CA GLU A 171 18.07 14.96 -22.40
C GLU A 171 17.69 14.94 -20.91
N ILE A 172 17.81 13.76 -20.28
CA ILE A 172 17.50 13.64 -18.85
C ILE A 172 18.46 14.52 -18.04
N ILE A 173 19.76 14.43 -18.32
CA ILE A 173 20.74 15.24 -17.59
C ILE A 173 20.44 16.73 -17.77
N LYS A 174 20.07 17.15 -18.97
CA LYS A 174 19.80 18.56 -19.23
C LYS A 174 18.58 19.09 -18.46
N LYS A 175 17.66 18.21 -18.05
CA LYS A 175 16.47 18.57 -17.29
C LYS A 175 16.66 18.43 -15.78
N THR A 176 17.84 18.00 -15.31
CA THR A 176 17.98 17.57 -13.92
C THR A 176 17.94 18.76 -12.95
N LEU A 177 18.74 19.79 -13.20
CA LEU A 177 18.67 20.95 -12.33
C LEU A 177 17.31 21.63 -12.41
N SER A 178 16.67 21.62 -13.59
CA SER A 178 15.33 22.18 -13.72
C SER A 178 14.32 21.45 -12.84
N ILE A 179 14.44 20.12 -12.70
CA ILE A 179 13.42 19.44 -11.90
C ILE A 179 13.59 19.79 -10.43
N TYR A 180 14.83 19.98 -9.97
CA TYR A 180 15.03 20.38 -8.59
C TYR A 180 14.45 21.76 -8.32
N ARG A 181 14.67 22.72 -9.25
CA ARG A 181 14.05 24.03 -9.09
C ARG A 181 12.53 23.94 -9.07
N GLU A 182 11.96 23.09 -9.93
CA GLU A 182 10.51 22.96 -10.02
C GLU A 182 9.89 22.41 -8.73
N ILE A 183 10.41 21.29 -8.21
CA ILE A 183 9.80 20.72 -7.01
C ILE A 183 10.03 21.66 -5.84
N LYS A 184 11.11 22.44 -5.86
CA LYS A 184 11.36 23.43 -4.83
C LYS A 184 10.36 24.58 -4.93
N GLU A 185 10.14 25.09 -6.14
CA GLU A 185 9.19 26.19 -6.33
C GLU A 185 7.77 25.76 -5.99
N GLU A 186 7.40 24.52 -6.35
CA GLU A 186 6.03 24.07 -6.13
C GLU A 186 5.76 23.65 -4.69
N GLY A 187 6.78 23.63 -3.84
CA GLY A 187 6.56 23.22 -2.48
C GLY A 187 6.48 21.72 -2.30
N LYS A 188 6.98 20.95 -3.24
CA LYS A 188 6.95 19.50 -3.10
C LYS A 188 8.13 18.98 -2.30
N GLY A 189 9.18 19.77 -2.15
CA GLY A 189 10.29 19.44 -1.28
C GLY A 189 11.25 20.59 -1.15
N SER A 190 12.12 20.49 -0.15
CA SER A 190 13.19 21.44 0.05
C SER A 190 14.49 20.90 -0.54
N VAL A 191 15.37 21.80 -0.94
CA VAL A 191 16.67 21.40 -1.47
C VAL A 191 17.75 22.01 -0.60
N SER A 192 18.70 21.18 -0.18
CA SER A 192 19.83 21.60 0.64
C SER A 192 21.13 21.38 -0.15
N THR A 193 22.22 21.84 0.43
CA THR A 193 23.55 21.53 -0.09
C THR A 193 24.45 21.21 1.11
N SER A 194 25.69 20.82 0.82
CA SER A 194 26.73 20.52 1.78
C SER A 194 27.93 21.41 1.48
N PRO A 195 28.83 21.61 2.45
CA PRO A 195 30.09 22.29 2.14
C PRO A 195 30.74 21.68 0.89
N TYR A 196 31.40 22.55 0.11
CA TYR A 196 31.53 22.38 -1.34
C TYR A 196 31.99 20.99 -1.74
N TYR A 197 33.17 20.56 -1.29
CA TYR A 197 33.70 19.28 -1.75
C TYR A 197 33.45 18.15 -0.77
N HIS A 198 32.40 18.28 0.05
CA HIS A 198 31.99 17.20 0.94
C HIS A 198 33.11 16.79 1.91
N PRO A 199 33.77 17.74 2.58
CA PRO A 199 34.83 17.36 3.52
C PRO A 199 34.28 17.02 4.90
N LEU A 200 35.17 16.52 5.75
CA LEU A 200 34.87 16.33 7.17
C LEU A 200 35.16 17.64 7.89
N ILE A 201 34.13 18.49 8.00
CA ILE A 201 34.28 19.79 8.64
C ILE A 201 34.87 19.68 10.05
N PRO A 202 34.41 18.77 10.93
CA PRO A 202 34.96 18.75 12.29
C PRO A 202 36.46 18.48 12.35
N ILE A 203 36.98 17.72 11.40
CA ILE A 203 38.41 17.45 11.39
C ILE A 203 39.17 18.67 10.89
N LEU A 204 38.69 19.30 9.81
CA LEU A 204 39.28 20.55 9.33
C LEU A 204 39.36 21.60 10.44
N LEU A 205 38.30 21.72 11.23
CA LEU A 205 38.31 22.71 12.32
C LEU A 205 39.25 22.28 13.44
N ASN A 206 39.25 21.01 13.78
CA ASN A 206 39.99 20.59 14.95
C ASN A 206 40.26 19.09 14.87
N PRO A 207 41.38 18.69 14.28
CA PRO A 207 41.66 17.25 14.08
C PRO A 207 41.62 16.43 15.36
N ASN A 208 41.80 17.06 16.52
CA ASN A 208 41.77 16.32 17.78
C ASN A 208 40.38 15.92 18.20
N CYS A 209 39.32 16.39 17.53
CA CYS A 209 37.97 15.96 17.89
C CYS A 209 37.75 14.47 17.67
N VAL A 210 38.65 13.80 16.93
CA VAL A 210 38.52 12.35 16.75
C VAL A 210 38.70 11.60 18.05
N TYR A 211 39.46 12.15 18.99
CA TYR A 211 39.67 11.52 20.29
C TYR A 211 38.46 11.59 21.19
N GLU A 212 37.39 12.28 20.80
CA GLU A 212 36.18 12.23 21.61
C GLU A 212 35.55 10.84 21.60
N THR A 213 35.75 10.07 20.52
CA THR A 213 35.16 8.74 20.40
C THR A 213 36.16 7.60 20.27
N THR A 214 37.34 7.83 19.71
CA THR A 214 38.35 6.79 19.51
C THR A 214 39.66 7.28 20.10
N PRO A 215 39.81 7.21 21.43
CA PRO A 215 41.03 7.74 22.07
C PRO A 215 42.31 7.05 21.63
N ASN A 216 42.26 5.82 21.12
CA ASN A 216 43.49 5.08 20.84
C ASN A 216 43.97 5.23 19.40
N VAL A 217 43.36 6.11 18.63
CA VAL A 217 43.70 6.21 17.21
C VAL A 217 44.95 7.06 17.04
N LYS A 218 45.78 6.70 16.05
CA LYS A 218 46.93 7.49 15.65
C LYS A 218 46.52 8.45 14.54
N ILE A 219 46.93 9.71 14.65
CA ILE A 219 46.72 10.64 13.54
C ILE A 219 48.02 11.36 13.23
N PRO A 220 48.23 11.84 12.01
CA PRO A 220 49.49 12.53 11.70
C PRO A 220 49.59 13.86 12.43
N ASP A 221 50.77 14.45 12.32
CA ASP A 221 51.07 15.77 12.89
C ASP A 221 50.44 16.85 12.01
N PHE A 222 49.36 17.46 12.50
CA PHE A 222 48.65 18.50 11.73
C PHE A 222 49.36 19.83 11.89
N ALA A 223 50.42 20.00 11.08
CA ALA A 223 51.31 21.15 11.19
C ALA A 223 50.80 22.38 10.46
N VAL A 224 49.59 22.36 9.91
CA VAL A 224 48.94 23.55 9.36
C VAL A 224 47.48 23.56 9.81
N SER A 225 46.86 24.72 9.61
CA SER A 225 45.46 24.93 9.97
C SER A 225 44.59 24.82 8.73
N PHE A 226 43.54 24.00 8.83
CA PHE A 226 42.51 23.90 7.82
C PHE A 226 41.24 24.66 8.22
N ARG A 227 41.31 25.47 9.29
CA ARG A 227 40.10 26.12 9.79
C ARG A 227 39.52 27.10 8.76
N GLU A 228 40.38 27.84 8.07
CA GLU A 228 39.90 28.77 7.05
C GLU A 228 39.30 28.02 5.85
N ASP A 229 39.92 26.92 5.43
CA ASP A 229 39.35 26.12 4.35
C ASP A 229 37.97 25.58 4.74
N ALA A 230 37.75 25.29 6.02
CA ALA A 230 36.43 24.84 6.47
C ALA A 230 35.38 25.93 6.21
N SER A 231 35.69 27.18 6.59
CA SER A 231 34.81 28.30 6.23
C SER A 231 34.60 28.39 4.73
N LYS A 232 35.66 28.17 3.95
CA LYS A 232 35.58 28.29 2.49
C LYS A 232 34.60 27.30 1.87
N HIS A 233 34.72 26.01 2.22
CA HIS A 233 33.77 25.01 1.73
C HIS A 233 32.33 25.46 1.94
N VAL A 234 32.04 26.02 3.12
CA VAL A 234 30.67 26.40 3.43
C VAL A 234 30.25 27.63 2.64
N GLU A 235 31.14 28.63 2.55
CA GLU A 235 30.81 29.87 1.85
C GLU A 235 30.63 29.64 0.36
N LEU A 236 31.55 28.91 -0.27
CA LEU A 236 31.42 28.64 -1.70
C LEU A 236 30.21 27.76 -2.01
N ALA A 237 29.84 26.87 -1.09
CA ALA A 237 28.63 26.07 -1.24
C ALA A 237 27.39 26.95 -1.24
N LYS A 238 27.36 27.96 -0.35
CA LYS A 238 26.27 28.91 -0.37
C LYS A 238 26.22 29.68 -1.69
N GLU A 239 27.40 30.05 -2.21
CA GLU A 239 27.46 30.77 -3.49
C GLU A 239 26.92 29.89 -4.61
N LYS A 240 27.35 28.63 -4.65
CA LYS A 240 26.94 27.73 -5.73
C LYS A 240 25.42 27.51 -5.70
N TYR A 241 24.89 27.23 -4.51
CA TYR A 241 23.45 27.05 -4.35
C TYR A 241 22.69 28.29 -4.76
N PHE A 242 23.21 29.47 -4.38
CA PHE A 242 22.64 30.74 -4.81
C PHE A 242 22.61 30.84 -6.33
N GLU A 243 23.69 30.43 -7.00
CA GLU A 243 23.74 30.46 -8.46
C GLU A 243 22.60 29.65 -9.08
N ILE A 244 22.32 28.47 -8.50
CA ILE A 244 21.37 27.55 -9.11
C ILE A 244 19.93 27.92 -8.74
N PHE A 245 19.67 28.20 -7.45
CA PHE A 245 18.31 28.41 -6.97
C PHE A 245 17.98 29.86 -6.67
N GLY A 246 18.93 30.79 -6.80
CA GLY A 246 18.63 32.20 -6.60
C GLY A 246 18.46 32.63 -5.16
N GLU A 247 18.71 31.72 -4.21
CA GLU A 247 18.54 31.99 -2.80
C GLU A 247 19.70 31.34 -2.06
N HIS A 248 20.05 31.89 -0.91
CA HIS A 248 21.08 31.23 -0.12
C HIS A 248 20.47 30.04 0.63
N PRO A 249 21.19 28.93 0.74
CA PRO A 249 20.62 27.77 1.43
C PRO A 249 20.48 28.03 2.92
N VAL A 250 19.31 27.70 3.46
CA VAL A 250 19.07 27.79 4.89
C VAL A 250 19.24 26.43 5.58
N TYR A 251 19.23 25.32 4.83
CA TYR A 251 19.48 23.98 5.36
C TYR A 251 20.75 23.41 4.74
N MET A 252 21.49 22.65 5.54
CA MET A 252 22.64 21.93 5.03
C MET A 252 22.67 20.52 5.60
N TRP A 253 23.10 19.58 4.77
CA TRP A 253 23.47 18.26 5.21
C TRP A 253 24.96 18.23 5.46
N PRO A 254 25.41 18.08 6.71
CA PRO A 254 26.84 17.95 6.96
C PRO A 254 27.35 16.63 6.39
N PRO A 255 28.42 16.67 5.61
CA PRO A 255 28.96 15.46 5.01
C PRO A 255 29.18 14.37 6.05
N GLU A 256 28.71 13.16 5.73
CA GLU A 256 28.76 11.99 6.62
C GLU A 256 28.06 12.25 7.95
N ALA A 257 27.03 13.09 7.95
CA ALA A 257 26.33 13.48 9.18
C ALA A 257 27.29 14.09 10.21
N SER A 258 28.49 14.50 9.79
CA SER A 258 29.54 14.83 10.76
C SER A 258 29.27 16.16 11.43
N VAL A 259 29.20 16.15 12.76
CA VAL A 259 29.08 17.36 13.55
C VAL A 259 30.05 17.31 14.71
N SER A 260 30.33 18.49 15.24
CA SER A 260 31.04 18.71 16.49
C SER A 260 30.55 20.06 17.00
N ASN A 261 30.94 20.42 18.23
CA ASN A 261 30.55 21.72 18.77
C ASN A 261 31.07 22.85 17.89
N GLU A 262 32.32 22.74 17.44
CA GLU A 262 32.89 23.78 16.57
C GLU A 262 32.22 23.79 15.21
N ALA A 263 31.91 22.61 14.66
CA ALA A 263 31.28 22.59 13.34
C ALA A 263 29.90 23.25 13.39
N LEU A 264 29.13 22.94 14.42
CA LEU A 264 27.81 23.55 14.56
C LEU A 264 27.91 25.07 14.72
N GLU A 265 28.93 25.55 15.41
CA GLU A 265 29.14 26.99 15.54
C GLU A 265 29.46 27.61 14.18
N LEU A 266 30.27 26.93 13.38
CA LEU A 266 30.61 27.44 12.05
C LEU A 266 29.38 27.50 11.15
N TYR A 267 28.59 26.42 11.12
CA TYR A 267 27.36 26.44 10.34
C TYR A 267 26.45 27.59 10.78
N TYR A 268 26.40 27.85 12.08
CA TYR A 268 25.58 28.94 12.58
C TYR A 268 26.11 30.29 12.14
N GLU A 269 27.42 30.50 12.27
CA GLU A 269 27.99 31.78 11.85
C GLU A 269 27.80 32.02 10.35
N LYS A 270 27.72 30.94 9.56
CA LYS A 270 27.52 31.06 8.12
C LYS A 270 26.05 31.12 7.74
N GLY A 271 25.16 31.37 8.70
CA GLY A 271 23.76 31.59 8.41
C GLY A 271 22.90 30.35 8.23
N ILE A 272 23.42 29.16 8.52
CA ILE A 272 22.64 27.93 8.37
C ILE A 272 21.69 27.82 9.55
N ASN A 273 20.41 27.55 9.27
CA ASN A 273 19.43 27.51 10.34
C ASN A 273 19.07 26.09 10.77
N MET A 274 19.26 25.09 9.92
CA MET A 274 18.93 23.73 10.31
C MET A 274 19.83 22.74 9.60
N LEU A 275 20.20 21.69 10.29
CA LEU A 275 20.85 20.54 9.68
C LEU A 275 20.30 19.28 10.34
N ALA A 276 20.74 18.13 9.85
CA ALA A 276 20.49 16.86 10.51
C ALA A 276 21.80 16.14 10.70
N THR A 277 21.83 15.24 11.69
CA THR A 277 22.96 14.36 11.89
C THR A 277 22.41 12.99 12.31
N ASP A 278 23.27 12.12 12.82
CA ASP A 278 22.92 10.74 13.08
C ASP A 278 22.46 10.49 14.50
N GLU A 279 21.66 9.44 14.67
CA GLU A 279 21.13 9.02 15.96
C GLU A 279 22.24 8.57 16.91
N VAL A 280 23.32 7.99 16.40
CA VAL A 280 24.43 7.61 17.28
C VAL A 280 25.06 8.85 17.92
N ILE A 281 25.04 9.99 17.22
CA ILE A 281 25.57 11.22 17.80
C ILE A 281 24.73 11.64 18.99
N LEU A 282 23.42 11.60 18.83
CA LEU A 282 22.52 11.92 19.92
C LEU A 282 22.80 11.03 21.13
N LYS A 283 22.83 9.71 20.93
CA LYS A 283 23.01 8.83 22.07
C LYS A 283 24.39 8.98 22.71
N ASN A 284 25.41 9.34 21.92
CA ASN A 284 26.71 9.63 22.51
C ASN A 284 26.73 10.95 23.27
N SER A 285 25.79 11.86 22.99
CA SER A 285 25.88 13.23 23.50
C SER A 285 24.88 13.54 24.61
N VAL A 286 23.75 12.84 24.67
CA VAL A 286 22.72 13.09 25.66
C VAL A 286 22.36 11.77 26.34
N GLU A 287 22.28 11.79 27.68
CA GLU A 287 22.03 10.55 28.41
C GLU A 287 20.74 9.88 27.97
N ARG A 288 19.62 10.60 27.97
CA ARG A 288 18.34 10.08 27.54
C ARG A 288 17.74 11.05 26.55
N ALA A 289 17.60 10.64 25.30
CA ALA A 289 17.20 11.56 24.26
C ALA A 289 16.41 10.85 23.18
N SER A 290 15.25 11.40 22.85
CA SER A 290 14.48 10.83 21.76
C SER A 290 14.85 11.52 20.45
N PRO A 291 14.99 10.76 19.36
CA PRO A 291 15.28 11.36 18.07
C PRO A 291 14.07 11.91 17.33
N TYR A 292 12.90 11.96 17.99
CA TYR A 292 11.67 12.41 17.33
C TYR A 292 11.32 13.84 17.66
N LEU A 293 12.24 14.58 18.28
CA LEU A 293 12.07 15.97 18.66
C LEU A 293 12.91 16.85 17.74
N ARG A 294 12.52 18.13 17.64
CA ARG A 294 13.40 19.12 17.02
C ARG A 294 14.34 19.65 18.10
N TYR A 295 15.64 19.63 17.81
CA TYR A 295 16.63 20.06 18.79
C TYR A 295 17.21 21.41 18.40
N TYR A 296 17.53 22.19 19.42
CA TYR A 296 18.17 23.49 19.27
C TYR A 296 19.55 23.42 19.92
N PHE A 297 20.61 23.49 19.11
CA PHE A 297 21.97 23.51 19.65
C PHE A 297 22.25 24.90 20.18
N ARG A 298 22.26 25.04 21.52
CA ARG A 298 22.58 26.30 22.22
C ARG A 298 21.65 27.44 21.82
N GLU A 299 20.46 27.12 21.30
CA GLU A 299 19.51 28.10 20.76
C GLU A 299 20.10 28.86 19.56
N LEU A 300 21.10 28.26 18.91
CA LEU A 300 21.77 28.82 17.74
C LEU A 300 21.26 28.26 16.42
N ILE A 301 21.00 26.96 16.36
CA ILE A 301 20.72 26.30 15.08
C ILE A 301 19.89 25.05 15.39
N SER A 302 18.96 24.74 14.51
CA SER A 302 18.08 23.60 14.73
C SER A 302 18.73 22.32 14.23
N VAL A 303 18.56 21.24 14.97
CA VAL A 303 19.15 19.95 14.63
C VAL A 303 18.10 18.86 14.73
N PHE A 304 17.96 18.06 13.68
CA PHE A 304 17.22 16.81 13.76
C PHE A 304 18.23 15.65 13.72
N PHE A 305 17.95 14.61 14.48
CA PHE A 305 18.75 13.39 14.44
C PHE A 305 17.95 12.35 13.69
N ARG A 306 18.50 11.87 12.59
CA ARG A 306 17.74 10.96 11.74
C ARG A 306 17.44 9.66 12.48
N ASP A 307 16.34 9.01 12.08
CA ASP A 307 16.02 7.66 12.54
C ASP A 307 16.96 6.69 11.85
N LYS A 308 17.99 6.22 12.57
CA LYS A 308 19.02 5.37 11.98
C LYS A 308 18.44 4.05 11.46
N THR A 309 17.54 3.43 12.22
CA THR A 309 17.00 2.13 11.82
C THR A 309 16.26 2.23 10.49
N LEU A 310 15.29 3.13 10.41
CA LEU A 310 14.52 3.29 9.18
C LEU A 310 15.40 3.73 8.02
N SER A 311 16.38 4.60 8.29
CA SER A 311 17.29 5.01 7.23
C SER A 311 18.13 3.85 6.74
N ASP A 312 18.61 3.02 7.67
CA ASP A 312 19.38 1.83 7.30
C ASP A 312 18.54 0.77 6.61
N LEU A 313 17.25 0.66 6.96
CA LEU A 313 16.40 -0.33 6.34
C LEU A 313 16.32 -0.09 4.83
N ILE A 314 16.10 1.16 4.43
CA ILE A 314 16.03 1.46 3.02
C ILE A 314 17.41 1.37 2.38
N GLY A 315 18.41 1.91 3.06
CA GLY A 315 19.74 2.01 2.47
C GLY A 315 20.45 0.68 2.35
N PHE A 316 20.10 -0.30 3.17
CA PHE A 316 20.90 -1.52 3.22
C PHE A 316 20.11 -2.82 3.32
N SER A 317 18.87 -2.80 3.81
CA SER A 317 18.12 -4.02 4.07
C SER A 317 17.13 -4.37 2.97
N TYR A 318 16.29 -3.42 2.55
CA TYR A 318 15.10 -3.76 1.77
C TYR A 318 15.42 -4.25 0.37
N HIS A 319 16.64 -4.03 -0.13
CA HIS A 319 17.03 -4.65 -1.38
C HIS A 319 16.86 -6.17 -1.31
N ALA A 320 17.04 -6.77 -0.12
CA ALA A 320 16.91 -8.22 0.02
C ALA A 320 15.49 -8.68 0.33
N TRP A 321 14.51 -7.79 0.30
CA TRP A 321 13.12 -8.15 0.56
C TRP A 321 12.28 -8.07 -0.70
N ASN A 322 11.13 -8.74 -0.66
CA ASN A 322 10.06 -8.47 -1.61
C ASN A 322 9.51 -7.06 -1.35
N ALA A 323 9.08 -6.38 -2.41
CA ALA A 323 8.72 -4.96 -2.30
C ALA A 323 7.52 -4.74 -1.38
N GLU A 324 6.47 -5.54 -1.53
CA GLU A 324 5.28 -5.34 -0.69
C GLU A 324 5.59 -5.58 0.78
N ASP A 325 6.39 -6.60 1.09
CA ASP A 325 6.72 -6.89 2.48
C ASP A 325 7.59 -5.79 3.09
N ALA A 326 8.54 -5.27 2.32
CA ALA A 326 9.36 -4.16 2.78
C ALA A 326 8.51 -2.97 3.19
N VAL A 327 7.52 -2.62 2.36
CA VAL A 327 6.69 -1.47 2.65
C VAL A 327 5.80 -1.76 3.84
N ARG A 328 5.31 -2.99 3.95
CA ARG A 328 4.52 -3.37 5.12
C ARG A 328 5.35 -3.21 6.38
N ASP A 329 6.61 -3.63 6.33
CA ASP A 329 7.50 -3.49 7.49
C ASP A 329 7.73 -2.02 7.84
N PHE A 330 8.09 -1.21 6.83
CA PHE A 330 8.32 0.21 7.05
C PHE A 330 7.10 0.88 7.64
N ILE A 331 5.93 0.67 7.03
CA ILE A 331 4.70 1.28 7.54
C ILE A 331 4.40 0.78 8.95
N GLY A 332 4.65 -0.51 9.21
CA GLY A 332 4.39 -1.05 10.54
C GLY A 332 5.24 -0.39 11.61
N ARG A 333 6.51 -0.10 11.30
CA ARG A 333 7.35 0.57 12.26
C ARG A 333 6.86 2.00 12.52
N LEU A 334 6.47 2.72 11.46
CA LEU A 334 5.92 4.07 11.67
C LEU A 334 4.67 4.03 12.52
N LYS A 335 3.82 3.01 12.34
CA LYS A 335 2.64 2.89 13.19
C LYS A 335 3.03 2.66 14.66
N LYS A 336 4.09 1.91 14.91
CA LYS A 336 4.54 1.70 16.29
C LYS A 336 5.07 2.98 16.92
N ILE A 337 5.82 3.77 16.15
CA ILE A 337 6.24 5.09 16.62
C ILE A 337 5.02 5.97 16.89
N HIS A 338 4.06 5.96 15.96
CA HIS A 338 2.86 6.78 16.11
C HIS A 338 2.10 6.46 17.38
N GLU A 339 2.03 5.17 17.74
CA GLU A 339 1.27 4.75 18.91
C GLU A 339 2.04 4.89 20.22
N SER A 340 3.36 5.00 20.15
CA SER A 340 4.18 4.94 21.34
C SER A 340 4.40 6.29 22.00
N VAL A 341 3.99 7.38 21.35
CA VAL A 341 4.13 8.70 21.92
C VAL A 341 2.81 9.44 21.83
N ASP A 342 2.60 10.30 22.81
CA ASP A 342 1.39 11.11 22.89
C ASP A 342 1.48 12.36 22.04
N PHE A 343 2.70 12.84 21.77
CA PHE A 343 2.93 14.02 20.96
C PHE A 343 3.10 13.61 19.50
N GLN A 344 3.37 14.59 18.63
CA GLN A 344 3.51 14.33 17.20
C GLN A 344 4.97 14.15 16.87
N PRO A 345 5.45 12.92 16.70
CA PRO A 345 6.89 12.72 16.47
C PRO A 345 7.31 13.17 15.08
N VAL A 346 8.53 13.70 14.99
CA VAL A 346 9.16 14.01 13.71
C VAL A 346 10.16 12.90 13.38
N VAL A 347 9.96 12.21 12.26
CA VAL A 347 10.78 11.04 11.92
C VAL A 347 11.59 11.38 10.67
N PHE A 348 12.92 11.43 10.83
CA PHE A 348 13.83 11.82 9.75
C PHE A 348 14.48 10.59 9.14
N VAL A 349 14.25 10.40 7.84
CA VAL A 349 14.85 9.31 7.07
C VAL A 349 15.87 9.97 6.16
N VAL A 350 17.16 9.77 6.45
CA VAL A 350 18.23 10.45 5.74
C VAL A 350 19.26 9.43 5.29
N LEU A 351 19.48 9.35 3.98
CA LEU A 351 20.47 8.43 3.43
C LEU A 351 20.83 8.92 2.04
N ASN A 352 21.86 8.33 1.44
CA ASN A 352 22.19 8.58 0.08
C ASN A 352 20.99 8.26 -0.85
N GLY A 353 20.78 9.06 -1.85
CA GLY A 353 19.63 8.90 -2.71
C GLY A 353 19.90 8.15 -3.99
N GLU A 354 21.15 7.74 -4.25
CA GLU A 354 21.48 7.16 -5.54
C GLU A 354 22.20 5.80 -5.47
N ASN A 355 22.58 5.32 -4.29
CA ASN A 355 23.49 4.18 -4.23
C ASN A 355 22.80 2.85 -3.91
N CYS A 356 21.63 2.86 -3.30
CA CYS A 356 21.04 1.60 -2.89
C CYS A 356 20.18 0.96 -3.98
N TRP A 357 19.69 1.75 -4.94
CA TRP A 357 18.64 1.25 -5.83
C TRP A 357 19.14 0.18 -6.79
N GLU A 358 20.42 0.21 -7.18
CA GLU A 358 20.95 -0.77 -8.13
C GLU A 358 20.95 -2.20 -7.59
N TYR A 359 20.83 -2.39 -6.28
CA TYR A 359 20.73 -3.71 -5.68
C TYR A 359 19.28 -4.16 -5.45
N TYR A 360 18.31 -3.27 -5.66
CA TYR A 360 16.90 -3.66 -5.62
C TYR A 360 16.47 -4.20 -6.97
N GLU A 361 15.47 -5.08 -6.95
CA GLU A 361 14.85 -5.49 -8.21
C GLU A 361 14.26 -4.29 -8.93
N GLU A 362 14.48 -4.25 -10.25
CA GLU A 362 13.95 -3.20 -11.11
C GLU A 362 14.34 -1.82 -10.57
N ASN A 363 15.58 -1.71 -10.10
CA ASN A 363 16.17 -0.41 -9.75
C ASN A 363 15.36 0.31 -8.67
N GLY A 364 14.78 -0.46 -7.74
CA GLY A 364 14.02 0.08 -6.65
C GLY A 364 12.66 0.65 -7.01
N ILE A 365 12.25 0.53 -8.26
CA ILE A 365 11.04 1.22 -8.72
C ILE A 365 9.80 0.57 -8.10
N PRO A 366 9.68 -0.76 -8.07
CA PRO A 366 8.51 -1.34 -7.38
C PRO A 366 8.45 -0.95 -5.91
N PHE A 367 9.60 -0.93 -5.23
CA PHE A 367 9.60 -0.56 -3.82
C PHE A 367 9.14 0.89 -3.64
N LEU A 368 9.76 1.83 -4.35
CA LEU A 368 9.45 3.24 -4.14
C LEU A 368 8.04 3.59 -4.60
N GLU A 369 7.56 3.00 -5.71
CA GLU A 369 6.19 3.28 -6.15
C GLU A 369 5.18 2.74 -5.14
N LYS A 370 5.45 1.56 -4.57
CA LYS A 370 4.55 1.02 -3.54
C LYS A 370 4.68 1.79 -2.24
N LEU A 371 5.90 2.20 -1.87
CA LEU A 371 6.08 2.97 -0.65
C LEU A 371 5.39 4.33 -0.75
N TYR A 372 5.65 5.05 -1.85
CA TYR A 372 5.10 6.40 -1.97
C TYR A 372 3.58 6.37 -2.16
N SER A 373 3.07 5.37 -2.88
CA SER A 373 1.61 5.25 -3.04
C SER A 373 0.94 4.92 -1.72
N THR A 374 1.60 4.13 -0.88
CA THR A 374 1.05 3.79 0.42
C THR A 374 1.10 4.99 1.36
N LEU A 375 2.25 5.69 1.39
CA LEU A 375 2.40 6.83 2.28
C LEU A 375 1.34 7.88 2.00
N GLU A 376 1.13 8.18 0.72
CA GLU A 376 0.22 9.23 0.30
C GLU A 376 -1.23 8.93 0.68
N LYS A 377 -1.57 7.68 0.97
CA LYS A 377 -2.92 7.32 1.38
C LYS A 377 -3.07 7.11 2.88
N GLU A 378 -1.98 7.19 3.65
CA GLU A 378 -2.05 7.03 5.10
C GLU A 378 -2.41 8.37 5.72
N GLU A 379 -3.66 8.48 6.18
CA GLU A 379 -4.21 9.67 6.83
C GLU A 379 -3.31 10.22 7.95
N TRP A 380 -2.80 9.34 8.80
CA TRP A 380 -2.11 9.75 10.01
C TRP A 380 -0.64 10.08 9.78
N ILE A 381 -0.15 9.91 8.54
CA ILE A 381 1.21 10.29 8.17
C ILE A 381 1.15 11.59 7.36
N GLU A 382 2.00 12.55 7.73
CA GLU A 382 2.19 13.77 6.94
C GLU A 382 3.67 13.88 6.62
N THR A 383 4.04 13.64 5.37
CA THR A 383 5.39 13.95 4.93
C THR A 383 5.59 15.46 4.87
N LEU A 384 6.82 15.90 5.15
CA LEU A 384 7.12 17.30 5.34
C LEU A 384 8.33 17.70 4.51
N THR A 385 8.28 18.90 3.92
CA THR A 385 9.51 19.52 3.43
C THR A 385 10.39 19.87 4.62
N LEU A 386 11.68 20.08 4.35
CA LEU A 386 12.57 20.55 5.41
C LEU A 386 12.06 21.84 6.02
N GLU A 387 11.53 22.75 5.19
CA GLU A 387 11.03 24.03 5.71
C GLU A 387 9.89 23.81 6.69
N GLU A 388 8.97 22.91 6.35
CA GLU A 388 7.85 22.62 7.24
C GLU A 388 8.34 21.98 8.54
N ALA A 389 9.28 21.02 8.44
CA ALA A 389 9.82 20.42 9.65
C ALA A 389 10.53 21.44 10.52
N MET A 390 11.23 22.40 9.89
CA MET A 390 11.91 23.44 10.65
C MET A 390 10.93 24.36 11.36
N ARG A 391 9.82 24.72 10.70
CA ARG A 391 8.90 25.71 11.25
C ARG A 391 7.69 25.08 11.94
N LYS A 392 7.63 23.76 12.03
CA LYS A 392 6.47 23.08 12.59
C LYS A 392 6.27 23.47 14.05
N GLU A 393 5.09 24.01 14.37
CA GLU A 393 4.80 24.46 15.73
C GLU A 393 4.34 23.32 16.64
N ASP A 394 3.57 22.37 16.11
CA ASP A 394 2.95 21.34 16.94
C ASP A 394 3.84 20.11 17.10
N VAL A 395 5.09 20.34 17.49
CA VAL A 395 6.06 19.28 17.72
C VAL A 395 6.76 19.53 19.03
N LYS A 396 7.47 18.51 19.51
CA LYS A 396 8.21 18.61 20.76
C LYS A 396 9.66 19.04 20.49
N THR A 397 10.20 19.82 21.42
CA THR A 397 11.47 20.48 21.19
C THR A 397 12.35 20.38 22.45
N GLU A 398 13.67 20.52 22.23
CA GLU A 398 14.63 20.36 23.30
C GLU A 398 15.91 21.12 22.96
N VAL A 399 16.50 21.75 23.97
CA VAL A 399 17.79 22.43 23.82
C VAL A 399 18.89 21.45 24.22
N ILE A 400 19.97 21.41 23.45
CA ILE A 400 21.16 20.68 23.87
C ILE A 400 22.36 21.63 23.77
N GLU A 401 23.34 21.40 24.63
CA GLU A 401 24.46 22.32 24.79
C GLU A 401 25.77 21.79 24.22
N SER A 402 25.88 20.49 23.96
CA SER A 402 27.16 19.93 23.55
C SER A 402 26.90 18.63 22.82
N VAL A 403 27.74 18.36 21.84
CA VAL A 403 27.71 17.08 21.13
C VAL A 403 29.09 16.47 21.17
N LYS A 404 29.13 15.15 21.15
CA LYS A 404 30.38 14.44 20.99
C LYS A 404 30.62 14.25 19.50
N ALA A 405 31.76 14.73 18.99
CA ALA A 405 31.98 14.73 17.56
C ALA A 405 31.92 13.33 16.99
N GLY A 406 31.39 13.21 15.78
CA GLY A 406 31.36 11.92 15.11
C GLY A 406 30.72 12.04 13.74
N THR A 407 30.51 10.88 13.13
CA THR A 407 29.85 10.75 11.84
C THR A 407 28.78 9.66 11.96
N TRP A 408 28.07 9.39 10.86
CA TRP A 408 27.12 8.29 10.90
C TRP A 408 27.79 6.94 10.70
N PHE A 409 29.12 6.90 10.53
CA PHE A 409 29.86 5.65 10.54
C PHE A 409 30.31 5.38 11.98
N ASP A 410 29.50 4.61 12.71
CA ASP A 410 29.78 4.19 14.09
C ASP A 410 29.94 5.36 15.04
N GLY A 411 29.54 6.56 14.64
CA GLY A 411 29.74 7.74 15.47
C GLY A 411 31.17 8.20 15.58
N ASN A 412 32.05 7.78 14.66
CA ASN A 412 33.47 8.10 14.78
C ASN A 412 34.04 8.34 13.38
N PHE A 413 35.35 8.58 13.32
CA PHE A 413 36.01 9.07 12.11
C PHE A 413 36.90 8.01 11.46
N LEU A 414 36.82 6.75 11.91
CA LEU A 414 37.75 5.73 11.47
C LEU A 414 37.63 5.39 9.98
N LYS A 415 36.56 5.80 9.31
CA LYS A 415 36.49 5.55 7.86
C LYS A 415 37.41 6.46 7.06
N TRP A 416 37.96 7.51 7.67
CA TRP A 416 38.72 8.51 6.93
C TRP A 416 40.08 8.83 7.54
N ILE A 417 40.38 8.31 8.73
CA ILE A 417 41.63 8.62 9.39
C ILE A 417 41.86 7.51 10.41
N GLY A 418 43.13 7.24 10.72
CA GLY A 418 43.47 6.33 11.79
C GLY A 418 44.26 5.09 11.42
N ASN A 419 44.39 4.73 10.15
CA ASN A 419 45.29 3.66 9.76
C ASN A 419 46.42 4.23 8.91
N LYS A 420 47.42 3.39 8.65
CA LYS A 420 48.62 3.87 7.97
C LYS A 420 48.29 4.49 6.62
N GLU A 421 47.40 3.86 5.86
CA GLU A 421 47.13 4.32 4.50
C GLU A 421 46.32 5.62 4.51
N LYS A 422 45.27 5.68 5.32
CA LYS A 422 44.47 6.92 5.38
C LYS A 422 45.29 8.07 5.95
N ASN A 423 46.15 7.78 6.95
CA ASN A 423 47.00 8.82 7.53
C ASN A 423 48.00 9.34 6.52
N GLU A 424 48.46 8.48 5.60
CA GLU A 424 49.37 8.95 4.55
C GLU A 424 48.69 10.02 3.69
N TYR A 425 47.42 9.83 3.35
CA TYR A 425 46.72 10.87 2.61
C TYR A 425 46.68 12.18 3.40
N TRP A 426 46.42 12.09 4.71
CA TRP A 426 46.40 13.32 5.49
C TRP A 426 47.77 13.97 5.52
N LYS A 427 48.84 13.17 5.67
CA LYS A 427 50.19 13.72 5.60
C LYS A 427 50.42 14.41 4.26
N ILE A 428 49.98 13.80 3.16
CA ILE A 428 50.16 14.40 1.85
C ILE A 428 49.43 15.73 1.77
N LEU A 429 48.19 15.75 2.26
CA LEU A 429 47.39 16.98 2.27
C LEU A 429 48.00 18.05 3.16
N ILE A 430 48.50 17.65 4.34
CA ILE A 430 49.09 18.64 5.26
C ILE A 430 50.30 19.32 4.62
N GLU A 431 51.21 18.53 4.03
CA GLU A 431 52.38 19.11 3.38
C GLU A 431 51.96 19.95 2.18
N ALA A 432 50.99 19.47 1.39
CA ALA A 432 50.52 20.25 0.25
C ALA A 432 49.87 21.55 0.68
N LYS A 433 49.15 21.54 1.80
CA LYS A 433 48.49 22.75 2.28
C LYS A 433 49.50 23.85 2.59
N LYS A 434 50.71 23.48 3.03
CA LYS A 434 51.75 24.48 3.28
C LYS A 434 52.13 25.23 2.02
N LYS A 435 52.06 24.57 0.86
CA LYS A 435 52.47 25.14 -0.42
C LYS A 435 51.28 25.36 -1.37
N ALA A 436 50.06 25.36 -0.84
CA ALA A 436 48.88 25.49 -1.68
C ALA A 436 48.76 26.91 -2.24
N LYS A 437 48.33 27.00 -3.50
CA LYS A 437 48.16 28.28 -4.18
C LYS A 437 46.80 28.49 -4.82
N ASN A 438 45.92 27.49 -4.81
CA ASN A 438 44.62 27.62 -5.46
C ASN A 438 43.64 26.65 -4.81
N ASP A 439 42.38 26.72 -5.23
CA ASP A 439 41.30 25.99 -4.58
C ASP A 439 41.30 24.49 -4.87
N TYR A 440 42.27 23.97 -5.64
CA TYR A 440 42.34 22.52 -5.78
C TYR A 440 42.71 21.85 -4.47
N ILE A 441 43.27 22.62 -3.53
CA ILE A 441 43.46 22.09 -2.19
C ILE A 441 42.11 21.77 -1.55
N LEU A 442 41.05 22.52 -1.88
CA LEU A 442 39.75 22.18 -1.30
C LEU A 442 39.19 20.91 -1.91
N VAL A 443 39.42 20.69 -3.21
CA VAL A 443 38.96 19.46 -3.85
C VAL A 443 39.55 18.25 -3.14
N ALA A 444 40.86 18.31 -2.88
CA ALA A 444 41.57 17.24 -2.19
C ALA A 444 41.11 17.07 -0.75
N GLU A 445 40.42 18.06 -0.17
CA GLU A 445 39.91 17.86 1.17
C GLU A 445 38.58 17.09 1.21
N GLY A 446 38.03 16.70 0.07
CA GLY A 446 36.81 15.92 0.07
C GLY A 446 36.97 14.57 0.76
N SER A 447 35.90 14.14 1.42
CA SER A 447 35.96 12.91 2.23
C SER A 447 36.25 11.67 1.38
N ASP A 448 35.81 11.67 0.12
CA ASP A 448 35.84 10.45 -0.70
C ASP A 448 37.25 9.91 -0.87
N TRP A 449 38.23 10.77 -1.10
CA TRP A 449 39.59 10.28 -1.31
C TRP A 449 40.08 9.48 -0.12
N PHE A 450 39.71 9.92 1.09
CA PHE A 450 40.12 9.23 2.31
C PHE A 450 39.26 7.99 2.58
N TRP A 451 38.00 8.03 2.15
CA TRP A 451 37.11 6.87 2.25
C TRP A 451 37.69 5.65 1.54
N TRP A 452 38.17 5.84 0.31
CA TRP A 452 38.64 4.72 -0.49
C TRP A 452 40.06 4.30 -0.14
N GLN A 453 40.85 5.15 0.40
CA GLN A 453 42.16 4.87 0.72
C GLN A 453 42.31 3.80 1.79
N GLY A 454 43.19 2.93 1.50
CA GLY A 454 43.59 1.87 2.38
C GLY A 454 42.56 0.94 2.78
N GLU A 455 41.83 0.60 1.78
CA GLU A 455 40.79 -0.29 1.89
C GLU A 455 40.96 -0.97 0.63
N GLU A 456 40.87 -2.24 0.86
CA GLU A 456 40.83 -3.31 -0.04
C GLU A 456 40.74 -2.87 -1.54
N LYS A 457 41.54 -3.52 -2.37
CA LYS A 457 41.67 -3.19 -3.76
C LYS A 457 40.84 -3.80 -4.86
N ALA A 458 39.86 -3.07 -5.29
CA ALA A 458 39.02 -3.49 -6.32
C ALA A 458 39.16 -2.63 -7.54
N PRO A 459 38.50 -3.07 -8.66
CA PRO A 459 38.71 -2.22 -9.83
C PRO A 459 38.48 -0.78 -9.63
N PHE A 460 39.33 -0.04 -10.26
CA PHE A 460 39.17 1.40 -10.45
C PHE A 460 39.34 2.21 -9.17
N VAL A 461 39.61 1.58 -8.02
CA VAL A 461 39.89 2.37 -6.84
C VAL A 461 41.26 3.05 -6.96
N GLU A 462 42.15 2.50 -7.80
CA GLU A 462 43.37 3.19 -8.15
C GLU A 462 43.09 4.53 -8.84
N VAL A 463 41.94 4.67 -9.50
CA VAL A 463 41.61 5.93 -10.15
C VAL A 463 41.39 7.02 -9.11
N PHE A 464 40.77 6.68 -7.97
CA PHE A 464 40.62 7.64 -6.89
C PHE A 464 41.96 8.12 -6.38
N ASP A 465 42.95 7.22 -6.32
CA ASP A 465 44.26 7.65 -5.85
C ASP A 465 44.93 8.56 -6.86
N LYS A 466 44.74 8.26 -8.16
CA LYS A 466 45.26 9.11 -9.22
C LYS A 466 44.65 10.50 -9.15
N LEU A 467 43.34 10.57 -8.88
CA LEU A 467 42.64 11.84 -8.81
C LEU A 467 43.09 12.65 -7.59
N PHE A 468 43.11 12.01 -6.42
CA PHE A 468 43.54 12.72 -5.21
C PHE A 468 44.91 13.34 -5.41
N ARG A 469 45.88 12.53 -5.82
CA ARG A 469 47.25 13.02 -5.95
C ARG A 469 47.40 14.05 -7.07
N SER A 470 46.57 13.96 -8.11
CA SER A 470 46.58 14.99 -9.15
C SER A 470 46.08 16.32 -8.62
N PHE A 471 44.99 16.29 -7.84
CA PHE A 471 44.46 17.52 -7.26
C PHE A 471 45.47 18.13 -6.29
N VAL A 472 46.16 17.28 -5.52
CA VAL A 472 47.15 17.79 -4.57
C VAL A 472 48.32 18.43 -5.32
N ARG A 473 48.75 17.81 -6.42
CA ARG A 473 49.82 18.39 -7.24
C ARG A 473 49.37 19.70 -7.88
N ARG A 474 48.18 19.70 -8.47
CA ARG A 474 47.68 20.90 -9.11
C ARG A 474 47.48 22.05 -8.11
N ALA A 475 47.07 21.73 -6.89
CA ALA A 475 46.87 22.74 -5.84
C ALA A 475 48.12 23.57 -5.56
N GLN A 476 49.30 23.05 -5.87
CA GLN A 476 50.55 23.74 -5.54
C GLN A 476 51.14 24.48 -6.74
N GLU A 477 50.43 24.54 -7.86
CA GLU A 477 50.91 25.24 -9.06
C GLU A 477 50.06 26.46 -9.37
N LYS B 2 6.18 -15.82 -10.83
CA LYS B 2 4.79 -16.20 -11.06
C LYS B 2 3.98 -16.08 -9.76
N LYS B 3 2.95 -15.24 -9.78
CA LYS B 3 2.10 -15.02 -8.63
C LYS B 3 0.75 -15.71 -8.84
N LEU B 4 0.08 -15.97 -7.73
CA LEU B 4 -1.34 -16.29 -7.72
C LEU B 4 -2.07 -15.05 -7.24
N PHE B 5 -3.05 -14.59 -8.01
CA PHE B 5 -3.84 -13.41 -7.65
C PHE B 5 -5.12 -13.86 -6.96
N LEU B 6 -5.30 -13.43 -5.72
CA LEU B 6 -6.41 -13.85 -4.88
C LEU B 6 -7.33 -12.66 -4.66
N VAL B 7 -8.62 -12.85 -4.88
CA VAL B 7 -9.61 -11.78 -4.82
C VAL B 7 -10.73 -12.22 -3.89
N PHE B 8 -10.76 -11.63 -2.70
CA PHE B 8 -11.89 -11.80 -1.79
C PHE B 8 -12.95 -10.77 -2.11
N TRP B 9 -14.21 -11.20 -2.15
CA TRP B 9 -15.33 -10.30 -2.42
C TRP B 9 -16.45 -10.75 -1.49
N TRP B 10 -16.57 -10.03 -0.39
CA TRP B 10 -17.54 -10.31 0.68
C TRP B 10 -18.85 -9.59 0.39
N HIS B 11 -19.93 -10.34 0.30
CA HIS B 11 -21.22 -9.80 -0.10
C HIS B 11 -22.08 -9.58 1.14
N MET B 12 -22.60 -8.36 1.31
CA MET B 12 -23.37 -7.97 2.48
C MET B 12 -24.76 -7.56 2.04
N HIS B 13 -25.78 -8.20 2.61
CA HIS B 13 -27.15 -7.91 2.19
C HIS B 13 -28.11 -8.23 3.32
N GLN B 14 -29.18 -7.44 3.39
CA GLN B 14 -30.34 -7.76 4.21
C GLN B 14 -31.58 -7.28 3.44
N PRO B 15 -32.63 -8.08 3.35
CA PRO B 15 -33.89 -7.57 2.80
C PRO B 15 -34.49 -6.53 3.73
N LEU B 16 -35.50 -5.81 3.24
CA LEU B 16 -36.12 -4.75 4.04
C LEU B 16 -37.00 -5.35 5.12
N TYR B 17 -36.60 -5.20 6.39
CA TYR B 17 -37.36 -5.71 7.53
C TYR B 17 -38.38 -4.70 8.04
N ARG B 18 -38.39 -3.50 7.47
CA ARG B 18 -39.22 -2.41 7.95
C ARG B 18 -40.60 -2.53 7.31
N GLU B 19 -41.59 -2.88 8.13
CA GLU B 19 -42.96 -2.95 7.65
C GLU B 19 -43.49 -1.55 7.38
N PRO B 20 -44.11 -1.29 6.22
CA PRO B 20 -44.45 0.10 5.86
C PRO B 20 -45.57 0.72 6.68
N TYR B 21 -46.50 -0.07 7.22
CA TYR B 21 -47.61 0.54 7.93
C TYR B 21 -47.28 0.81 9.39
N THR B 22 -46.73 -0.19 10.11
CA THR B 22 -46.27 0.06 11.47
C THR B 22 -45.02 0.94 11.50
N GLY B 23 -44.25 0.98 10.40
CA GLY B 23 -42.98 1.68 10.40
C GLY B 23 -41.91 1.00 11.22
N GLU B 24 -42.13 -0.25 11.62
CA GLU B 24 -41.26 -0.93 12.56
C GLU B 24 -40.48 -2.03 11.86
N TYR B 25 -39.23 -2.20 12.28
CA TYR B 25 -38.41 -3.30 11.81
C TYR B 25 -38.85 -4.57 12.53
N LEU B 26 -39.43 -5.50 11.78
CA LEU B 26 -40.05 -6.69 12.38
C LEU B 26 -39.04 -7.77 12.74
N LEU B 27 -37.82 -7.69 12.21
CA LEU B 27 -36.75 -8.61 12.55
C LEU B 27 -35.49 -7.80 12.83
N PRO B 28 -34.66 -8.24 13.76
CA PRO B 28 -33.48 -7.48 14.17
C PRO B 28 -32.18 -7.84 13.45
N TRP B 29 -32.26 -8.59 12.35
CA TRP B 29 -31.05 -9.19 11.79
C TRP B 29 -30.11 -8.14 11.22
N THR B 30 -30.67 -7.08 10.61
CA THR B 30 -29.80 -6.02 10.13
C THR B 30 -29.03 -5.39 11.29
N PHE B 31 -29.71 -5.17 12.42
CA PHE B 31 -29.01 -4.60 13.57
C PHE B 31 -27.89 -5.51 14.04
N PHE B 32 -28.16 -6.81 14.12
CA PHE B 32 -27.21 -7.73 14.73
C PHE B 32 -26.02 -8.00 13.80
N HIS B 33 -26.28 -8.15 12.50
CA HIS B 33 -25.16 -8.31 11.58
C HIS B 33 -24.37 -7.02 11.40
N ALA B 34 -24.99 -5.87 11.65
CA ALA B 34 -24.23 -4.62 11.58
C ALA B 34 -23.28 -4.49 12.77
N VAL B 35 -23.75 -4.81 13.98
CA VAL B 35 -22.88 -4.67 15.14
C VAL B 35 -21.79 -5.74 15.12
N LYS B 36 -22.07 -6.92 14.58
CA LYS B 36 -21.14 -8.03 14.61
C LYS B 36 -20.22 -8.08 13.38
N ASP B 37 -20.76 -7.80 12.17
CA ASP B 37 -20.06 -8.12 10.93
C ASP B 37 -19.84 -6.96 9.98
N TYR B 38 -20.83 -6.07 9.78
CA TYR B 38 -20.73 -5.12 8.67
C TYR B 38 -19.63 -4.08 8.90
N TYR B 39 -19.33 -3.74 10.15
CA TYR B 39 -18.18 -2.87 10.41
C TYR B 39 -16.89 -3.66 10.58
N ASP B 40 -16.96 -4.79 11.31
CA ASP B 40 -15.75 -5.54 11.66
C ASP B 40 -15.12 -6.24 10.47
N MET B 41 -15.91 -6.67 9.48
CA MET B 41 -15.29 -7.34 8.33
C MET B 41 -14.32 -6.43 7.58
N PRO B 42 -14.68 -5.21 7.13
CA PRO B 42 -13.65 -4.32 6.58
C PRO B 42 -12.66 -3.81 7.62
N ALA B 43 -13.01 -3.80 8.91
CA ALA B 43 -12.08 -3.31 9.92
C ALA B 43 -10.83 -4.18 10.02
N TYR B 44 -10.88 -5.43 9.54
CA TYR B 44 -9.69 -6.28 9.51
C TYR B 44 -8.55 -5.62 8.73
N LEU B 45 -8.90 -4.75 7.76
CA LEU B 45 -7.89 -4.09 6.95
C LEU B 45 -7.07 -3.09 7.74
N LYS B 46 -7.49 -2.71 8.94
CA LYS B 46 -6.62 -1.90 9.78
C LYS B 46 -5.49 -2.70 10.39
N ASP B 47 -5.64 -4.02 10.51
CA ASP B 47 -4.67 -4.85 11.21
C ASP B 47 -3.85 -5.76 10.29
N PHE B 48 -4.32 -6.03 9.08
CA PHE B 48 -3.61 -6.87 8.12
C PHE B 48 -3.54 -6.15 6.79
N GLU B 49 -2.34 -6.03 6.23
CA GLU B 49 -2.16 -5.22 5.03
C GLU B 49 -2.31 -6.11 3.79
N ILE B 50 -3.56 -6.48 3.54
CA ILE B 50 -3.96 -7.19 2.34
C ILE B 50 -5.09 -6.39 1.69
N LYS B 51 -5.62 -6.90 0.58
CA LYS B 51 -6.76 -6.30 -0.09
C LYS B 51 -7.99 -7.17 0.15
N LEU B 52 -9.10 -6.54 0.51
CA LEU B 52 -10.38 -7.21 0.71
C LEU B 52 -11.46 -6.36 0.05
N ASN B 53 -12.36 -7.00 -0.68
CA ASN B 53 -13.37 -6.27 -1.42
C ASN B 53 -14.75 -6.60 -0.86
N PHE B 54 -15.68 -5.68 -1.05
CA PHE B 54 -16.98 -5.80 -0.41
C PHE B 54 -18.06 -5.36 -1.37
N ASN B 55 -19.21 -6.03 -1.24
CA ASN B 55 -20.44 -5.64 -1.92
C ASN B 55 -21.45 -5.22 -0.87
N LEU B 56 -22.12 -4.09 -1.09
CA LEU B 56 -23.15 -3.62 -0.18
C LEU B 56 -24.42 -3.36 -0.99
N THR B 57 -25.49 -4.09 -0.70
CA THR B 57 -26.71 -3.87 -1.45
C THR B 57 -27.35 -2.56 -1.02
N PRO B 58 -28.01 -1.86 -1.93
CA PRO B 58 -28.62 -0.58 -1.56
C PRO B 58 -29.69 -0.70 -0.50
N VAL B 59 -30.44 -1.82 -0.46
CA VAL B 59 -31.46 -1.95 0.56
C VAL B 59 -30.81 -2.13 1.93
N LEU B 60 -29.65 -2.78 1.99
CA LEU B 60 -28.96 -2.87 3.27
C LEU B 60 -28.41 -1.52 3.70
N ILE B 61 -27.84 -0.77 2.76
CA ILE B 61 -27.35 0.57 3.07
C ILE B 61 -28.47 1.42 3.67
N ASP B 62 -29.68 1.33 3.10
CA ASP B 62 -30.79 2.13 3.63
C ASP B 62 -31.01 1.85 5.11
N GLN B 63 -31.08 0.58 5.47
CA GLN B 63 -31.37 0.20 6.86
C GLN B 63 -30.22 0.57 7.79
N ILE B 64 -28.98 0.37 7.34
CA ILE B 64 -27.86 0.80 8.16
C ILE B 64 -27.95 2.30 8.45
N GLN B 65 -28.34 3.09 7.45
CA GLN B 65 -28.49 4.53 7.66
C GLN B 65 -29.60 4.85 8.65
N GLU B 66 -30.75 4.20 8.51
CA GLU B 66 -31.86 4.44 9.44
C GLU B 66 -31.45 4.10 10.88
N TYR B 67 -30.73 2.99 11.07
CA TYR B 67 -30.28 2.64 12.42
C TYR B 67 -29.26 3.66 12.93
N ALA B 68 -28.36 4.08 12.04
CA ALA B 68 -27.33 5.05 12.39
C ALA B 68 -27.94 6.38 12.83
N GLN B 69 -28.94 6.85 12.09
CA GLN B 69 -29.60 8.11 12.43
C GLN B 69 -30.51 7.98 13.64
N GLY B 70 -30.74 6.76 14.13
CA GLY B 70 -31.59 6.56 15.28
C GLY B 70 -33.08 6.58 14.98
N LYS B 71 -33.48 6.25 13.76
CA LYS B 71 -34.88 6.25 13.37
C LYS B 71 -35.48 4.85 13.25
N ALA B 72 -34.68 3.80 13.36
CA ALA B 72 -35.17 2.44 13.22
C ALA B 72 -35.95 2.03 14.46
N LYS B 73 -37.24 1.77 14.29
CA LYS B 73 -38.07 1.27 15.40
C LYS B 73 -38.07 -0.26 15.31
N ASP B 74 -37.11 -0.88 15.97
CA ASP B 74 -36.92 -2.33 15.91
C ASP B 74 -37.64 -3.00 17.07
N VAL B 75 -38.60 -3.88 16.76
CA VAL B 75 -39.48 -4.44 17.78
C VAL B 75 -38.72 -5.41 18.68
N PHE B 76 -37.78 -6.19 18.12
CA PHE B 76 -36.95 -7.06 18.96
C PHE B 76 -35.99 -6.26 19.82
N LEU B 77 -35.44 -5.16 19.27
CA LEU B 77 -34.57 -4.29 20.04
C LEU B 77 -35.33 -3.58 21.16
N GLU B 78 -36.62 -3.32 20.96
CA GLU B 78 -37.42 -2.71 22.03
C GLU B 78 -37.59 -3.68 23.20
N ALA B 79 -37.76 -4.97 22.89
CA ALA B 79 -37.86 -5.98 23.92
C ALA B 79 -36.53 -6.21 24.63
N ILE B 80 -35.42 -5.90 23.96
CA ILE B 80 -34.11 -5.97 24.59
C ILE B 80 -33.87 -4.76 25.48
N ARG B 81 -34.15 -3.56 24.95
CA ARG B 81 -33.79 -2.33 25.64
C ARG B 81 -34.59 -2.16 26.92
N LYS B 82 -35.87 -2.51 26.90
CA LYS B 82 -36.79 -2.15 27.98
C LYS B 82 -36.41 -2.82 29.28
N ASP B 83 -36.70 -2.13 30.38
CA ASP B 83 -36.68 -2.77 31.68
C ASP B 83 -37.65 -3.94 31.64
N PRO B 84 -37.24 -5.13 32.09
CA PRO B 84 -38.17 -6.26 32.11
C PRO B 84 -39.49 -5.96 32.77
N ASP B 85 -39.51 -5.08 33.79
CA ASP B 85 -40.77 -4.72 34.43
C ASP B 85 -41.71 -4.01 33.46
N ASP B 86 -41.19 -3.47 32.37
CA ASP B 86 -41.99 -2.79 31.35
C ASP B 86 -42.32 -3.68 30.15
N LEU B 87 -41.90 -4.94 30.16
CA LEU B 87 -42.14 -5.83 29.04
C LEU B 87 -43.59 -6.31 29.02
N GLU B 88 -44.21 -6.25 27.84
CA GLU B 88 -45.44 -6.97 27.61
C GLU B 88 -45.15 -8.47 27.50
N LYS B 89 -46.19 -9.27 27.69
CA LYS B 89 -46.02 -10.72 27.59
C LYS B 89 -45.59 -11.14 26.19
N GLU B 90 -46.06 -10.44 25.15
CA GLU B 90 -45.65 -10.75 23.79
C GLU B 90 -44.14 -10.60 23.62
N GLU B 91 -43.54 -9.63 24.31
CA GLU B 91 -42.13 -9.31 24.16
C GLU B 91 -41.24 -10.29 24.91
N VAL B 92 -41.66 -10.74 26.10
CA VAL B 92 -40.92 -11.81 26.78
C VAL B 92 -40.96 -13.08 25.94
N GLU B 93 -42.03 -13.27 25.17
CA GLU B 93 -42.13 -14.40 24.25
C GLU B 93 -41.13 -14.26 23.10
N LYS B 94 -41.07 -13.07 22.50
CA LYS B 94 -40.11 -12.81 21.42
C LYS B 94 -38.68 -13.03 21.88
N LEU B 95 -38.34 -12.56 23.09
CA LEU B 95 -36.99 -12.70 23.60
C LEU B 95 -36.61 -14.17 23.76
N ILE B 96 -37.51 -14.97 24.34
CA ILE B 96 -37.21 -16.38 24.58
C ILE B 96 -37.05 -17.12 23.25
N GLU B 97 -37.97 -16.90 22.30
CA GLU B 97 -37.90 -17.58 21.01
C GLU B 97 -36.63 -17.24 20.26
N PHE B 98 -36.21 -15.97 20.33
CA PHE B 98 -34.98 -15.57 19.66
C PHE B 98 -33.78 -16.26 20.28
N THR B 99 -33.76 -16.35 21.62
CA THR B 99 -32.72 -17.12 22.29
C THR B 99 -32.74 -18.57 21.85
N LYS B 100 -33.93 -19.17 21.77
CA LYS B 100 -34.05 -20.56 21.34
C LYS B 100 -33.53 -20.75 19.92
N LEU B 101 -33.83 -19.80 19.03
CA LEU B 101 -33.40 -19.96 17.64
C LEU B 101 -31.89 -19.97 17.53
N ASN B 102 -31.21 -19.21 18.37
CA ASN B 102 -29.76 -19.08 18.30
C ASN B 102 -29.02 -19.92 19.33
N TYR B 103 -29.75 -20.75 20.08
CA TYR B 103 -29.22 -21.33 21.32
C TYR B 103 -27.96 -22.16 21.08
N GLU B 104 -27.91 -22.92 20.00
CA GLU B 104 -26.82 -23.87 19.77
C GLU B 104 -25.64 -23.25 19.03
N LYS B 105 -25.70 -21.97 18.67
CA LYS B 105 -24.60 -21.36 17.93
C LYS B 105 -23.41 -21.15 18.87
N PRO B 106 -22.19 -21.30 18.35
CA PRO B 106 -21.00 -21.05 19.20
C PRO B 106 -20.99 -19.66 19.83
N ILE B 107 -21.49 -18.63 19.13
CA ILE B 107 -21.47 -17.29 19.69
C ILE B 107 -22.43 -17.12 20.85
N TYR B 108 -23.35 -18.08 21.05
CA TYR B 108 -24.29 -18.06 22.16
C TYR B 108 -23.84 -18.93 23.33
N ARG B 109 -22.57 -19.32 23.37
CA ARG B 109 -22.08 -20.28 24.37
C ARG B 109 -21.74 -19.55 25.68
N PHE B 110 -22.80 -19.18 26.40
CA PHE B 110 -22.70 -18.59 27.72
C PHE B 110 -23.39 -19.52 28.70
N GLU B 111 -22.68 -19.91 29.76
CA GLU B 111 -23.28 -20.81 30.73
C GLU B 111 -24.57 -20.24 31.33
N ARG B 112 -24.65 -18.92 31.44
CA ARG B 112 -25.84 -18.31 32.01
C ARG B 112 -27.05 -18.46 31.09
N ILE B 113 -26.85 -18.42 29.77
CA ILE B 113 -27.97 -18.67 28.86
C ILE B 113 -28.48 -20.09 29.04
N ARG B 114 -27.57 -21.04 29.25
CA ARG B 114 -27.99 -22.41 29.54
C ARG B 114 -28.84 -22.46 30.80
N GLU B 115 -28.45 -21.70 31.83
CA GLU B 115 -29.24 -21.64 33.06
C GLU B 115 -30.63 -21.07 32.78
N LEU B 116 -30.69 -19.97 32.01
CA LEU B 116 -31.94 -19.24 31.85
C LEU B 116 -32.95 -20.05 31.06
N MET B 117 -32.49 -20.78 30.04
CA MET B 117 -33.39 -21.55 29.18
C MET B 117 -33.92 -22.80 29.87
N ASN B 118 -33.24 -23.27 30.92
CA ASN B 118 -33.70 -24.41 31.70
C ASN B 118 -34.65 -24.01 32.81
N LYS B 119 -35.09 -22.76 32.86
CA LYS B 119 -36.01 -22.28 33.87
C LYS B 119 -37.44 -22.27 33.34
N GLU B 120 -38.39 -22.54 34.25
CA GLU B 120 -39.80 -22.43 33.89
C GLU B 120 -40.25 -20.98 33.85
N LYS B 121 -39.80 -20.16 34.80
CA LYS B 121 -40.19 -18.77 34.90
C LYS B 121 -38.95 -17.91 35.13
N LEU B 122 -38.99 -16.69 34.58
CA LEU B 122 -37.85 -15.78 34.66
C LEU B 122 -38.29 -14.49 35.34
N ASN B 123 -37.57 -14.11 36.38
CA ASN B 123 -37.85 -12.84 37.06
C ASN B 123 -37.15 -11.71 36.32
N ARG B 124 -37.19 -10.50 36.90
CA ARG B 124 -36.60 -9.34 36.24
C ARG B 124 -35.09 -9.47 36.09
N GLU B 125 -34.43 -10.12 37.05
CA GLU B 125 -32.98 -10.32 36.99
C GLU B 125 -32.60 -11.21 35.84
N GLU B 126 -33.21 -12.38 35.80
CA GLU B 126 -32.93 -13.34 34.75
C GLU B 126 -33.28 -12.77 33.37
N LEU B 127 -34.36 -11.99 33.29
CA LEU B 127 -34.71 -11.36 32.03
C LEU B 127 -33.67 -10.32 31.62
N LEU B 128 -33.09 -9.60 32.59
CA LEU B 128 -32.01 -8.67 32.29
C LEU B 128 -30.79 -9.39 31.75
N ASP B 129 -30.45 -10.53 32.35
CA ASP B 129 -29.34 -11.34 31.86
C ASP B 129 -29.64 -11.90 30.48
N LEU B 130 -30.90 -12.24 30.21
CA LEU B 130 -31.25 -12.78 28.90
C LEU B 130 -31.20 -11.71 27.83
N GLN B 131 -31.71 -10.51 28.13
CA GLN B 131 -31.59 -9.38 27.21
C GLN B 131 -30.12 -9.05 26.92
N THR B 132 -29.31 -8.96 27.98
CA THR B 132 -27.93 -8.48 27.82
C THR B 132 -27.05 -9.53 27.15
N LEU B 133 -27.23 -10.81 27.47
CA LEU B 133 -26.45 -11.86 26.82
C LEU B 133 -26.84 -12.07 25.37
N ASN B 134 -28.09 -11.76 25.00
CA ASN B 134 -28.44 -11.75 23.59
C ASN B 134 -27.66 -10.67 22.85
N LEU B 135 -27.50 -9.48 23.45
CA LEU B 135 -26.67 -8.45 22.82
C LEU B 135 -25.22 -8.89 22.72
N LEU B 136 -24.65 -9.35 23.85
CA LEU B 136 -23.23 -9.65 23.90
C LEU B 136 -22.85 -10.79 22.96
N ALA B 137 -23.76 -11.74 22.74
CA ALA B 137 -23.51 -12.83 21.81
C ALA B 137 -23.14 -12.32 20.43
N TRP B 138 -23.70 -11.19 20.01
CA TRP B 138 -23.41 -10.63 18.69
C TRP B 138 -22.32 -9.56 18.73
N CYS B 139 -21.49 -9.53 19.78
CA CYS B 139 -20.38 -8.59 19.85
C CYS B 139 -19.38 -8.89 18.74
N GLY B 140 -18.98 -7.86 18.03
CA GLY B 140 -18.00 -8.02 16.99
C GLY B 140 -16.58 -7.97 17.51
N ARG B 141 -15.65 -8.24 16.60
CA ARG B 141 -14.24 -8.28 16.96
C ARG B 141 -13.79 -6.99 17.64
N THR B 142 -14.18 -5.84 17.09
CA THR B 142 -13.72 -4.56 17.62
C THR B 142 -14.14 -4.38 19.08
N LEU B 143 -15.40 -4.65 19.39
CA LEU B 143 -15.89 -4.31 20.71
C LEU B 143 -15.46 -5.30 21.79
N ARG B 144 -14.65 -6.30 21.44
CA ARG B 144 -14.23 -7.26 22.46
C ARG B 144 -13.34 -6.65 23.54
N LYS B 145 -12.49 -5.66 23.21
CA LYS B 145 -11.69 -5.02 24.27
C LYS B 145 -12.55 -4.16 25.18
N ASP B 146 -13.39 -3.31 24.60
CA ASP B 146 -14.17 -2.38 25.42
C ASP B 146 -15.18 -3.10 26.30
N LEU B 147 -15.74 -4.23 25.83
CA LEU B 147 -16.78 -4.94 26.56
C LEU B 147 -16.24 -6.14 27.31
N LYS B 148 -14.90 -6.28 27.40
CA LYS B 148 -14.34 -7.48 28.03
C LYS B 148 -14.81 -7.60 29.47
N ASP B 149 -14.97 -6.48 30.17
CA ASP B 149 -15.47 -6.52 31.52
C ASP B 149 -16.83 -7.20 31.58
N LEU B 150 -17.76 -6.78 30.72
CA LEU B 150 -19.10 -7.35 30.73
C LEU B 150 -19.11 -8.77 30.20
N LEU B 151 -18.23 -9.07 29.25
CA LEU B 151 -18.10 -10.45 28.77
C LEU B 151 -17.55 -11.36 29.87
N ASN B 152 -16.59 -10.87 30.65
CA ASN B 152 -16.05 -11.65 31.77
C ASN B 152 -17.10 -11.88 32.84
N LYS B 153 -18.00 -10.91 33.06
CA LYS B 153 -19.02 -11.03 34.09
C LYS B 153 -19.91 -12.25 33.85
N GLY B 154 -20.47 -12.37 32.64
CA GLY B 154 -21.27 -13.51 32.26
C GLY B 154 -22.67 -13.56 32.83
N ARG B 155 -23.00 -12.72 33.81
CA ARG B 155 -24.29 -12.83 34.49
C ARG B 155 -24.52 -11.59 35.34
N ASN B 156 -25.76 -11.45 35.82
CA ASN B 156 -26.13 -10.43 36.79
C ASN B 156 -25.91 -9.02 36.23
N TYR B 157 -26.46 -8.77 35.06
CA TYR B 157 -26.31 -7.47 34.42
C TYR B 157 -27.37 -6.50 34.91
N THR B 158 -27.00 -5.23 35.02
CA THR B 158 -27.92 -4.16 35.36
C THR B 158 -28.48 -3.52 34.10
N GLN B 159 -29.56 -2.74 34.27
CA GLN B 159 -30.11 -2.02 33.14
C GLN B 159 -29.10 -1.00 32.59
N GLU B 160 -28.26 -0.43 33.46
CA GLU B 160 -27.27 0.53 33.00
C GLU B 160 -26.21 -0.14 32.13
N GLU B 161 -25.75 -1.33 32.52
CA GLU B 161 -24.74 -2.03 31.72
C GLU B 161 -25.31 -2.45 30.37
N LYS B 162 -26.56 -2.91 30.35
CA LYS B 162 -27.20 -3.28 29.09
C LYS B 162 -27.33 -2.08 28.16
N GLU B 163 -27.60 -0.90 28.73
CA GLU B 163 -27.70 0.31 27.91
C GLU B 163 -26.33 0.77 27.42
N TYR B 164 -25.28 0.50 28.17
CA TYR B 164 -23.93 0.80 27.71
C TYR B 164 -23.60 0.01 26.46
N VAL B 165 -23.94 -1.29 26.46
CA VAL B 165 -23.68 -2.12 25.30
C VAL B 165 -24.41 -1.56 24.08
N LEU B 166 -25.70 -1.21 24.25
CA LEU B 166 -26.46 -0.65 23.14
C LEU B 166 -25.83 0.64 22.64
N ASN B 167 -25.29 1.46 23.54
CA ASN B 167 -24.63 2.71 23.15
C ASN B 167 -23.40 2.43 22.28
N LYS B 168 -22.56 1.48 22.71
CA LYS B 168 -21.38 1.11 21.92
C LYS B 168 -21.78 0.41 20.63
N TYR B 169 -22.90 -0.30 20.64
CA TYR B 169 -23.35 -0.97 19.42
C TYR B 169 -23.81 0.05 18.38
N PHE B 170 -24.51 1.09 18.82
CA PHE B 170 -24.92 2.13 17.88
C PHE B 170 -23.74 2.97 17.43
N GLU B 171 -22.72 3.13 18.28
CA GLU B 171 -21.49 3.77 17.83
C GLU B 171 -20.90 3.03 16.63
N ILE B 172 -20.85 1.70 16.71
CA ILE B 172 -20.32 0.89 15.61
C ILE B 172 -21.15 1.10 14.35
N ILE B 173 -22.48 1.11 14.51
CA ILE B 173 -23.35 1.31 13.35
C ILE B 173 -23.09 2.67 12.72
N LYS B 174 -23.01 3.72 13.56
CA LYS B 174 -22.76 5.06 13.05
C LYS B 174 -21.44 5.18 12.30
N LYS B 175 -20.47 4.32 12.56
CA LYS B 175 -19.16 4.37 11.93
C LYS B 175 -19.04 3.42 10.75
N THR B 176 -20.12 2.76 10.35
CA THR B 176 -19.99 1.63 9.44
C THR B 176 -19.78 2.08 8.00
N LEU B 177 -20.62 2.99 7.50
CA LEU B 177 -20.45 3.43 6.13
C LEU B 177 -19.16 4.22 5.96
N SER B 178 -18.70 4.88 7.04
CA SER B 178 -17.42 5.56 7.01
C SER B 178 -16.26 4.59 6.75
N ILE B 179 -16.28 3.42 7.39
CA ILE B 179 -15.12 2.56 7.22
C ILE B 179 -15.04 2.00 5.80
N TYR B 180 -16.19 1.88 5.12
CA TYR B 180 -16.14 1.50 3.71
C TYR B 180 -15.52 2.62 2.87
N ARG B 181 -15.90 3.88 3.11
CA ARG B 181 -15.24 4.98 2.42
C ARG B 181 -13.75 5.01 2.73
N GLU B 182 -13.38 4.66 3.97
CA GLU B 182 -11.99 4.75 4.39
C GLU B 182 -11.13 3.69 3.70
N ILE B 183 -11.57 2.43 3.72
CA ILE B 183 -10.78 1.39 3.06
C ILE B 183 -10.79 1.60 1.55
N LYS B 184 -11.86 2.18 1.01
CA LYS B 184 -11.92 2.47 -0.41
C LYS B 184 -10.95 3.58 -0.79
N GLU B 185 -10.98 4.69 -0.06
CA GLU B 185 -10.08 5.80 -0.36
C GLU B 185 -8.61 5.41 -0.17
N GLU B 186 -8.32 4.60 0.85
CA GLU B 186 -6.95 4.18 1.13
C GLU B 186 -6.43 3.09 0.20
N GLY B 187 -7.23 2.65 -0.78
CA GLY B 187 -6.80 1.63 -1.72
C GLY B 187 -6.69 0.23 -1.16
N LYS B 188 -7.27 -0.02 0.02
CA LYS B 188 -7.21 -1.35 0.61
C LYS B 188 -8.32 -2.27 0.11
N GLY B 189 -9.34 -1.73 -0.56
CA GLY B 189 -10.37 -2.57 -1.12
C GLY B 189 -11.31 -1.84 -2.07
N SER B 190 -11.91 -2.56 -3.01
CA SER B 190 -12.97 -1.97 -3.82
C SER B 190 -14.33 -2.24 -3.16
N VAL B 191 -15.29 -1.37 -3.43
CA VAL B 191 -16.66 -1.55 -2.95
C VAL B 191 -17.59 -1.58 -4.15
N SER B 192 -18.44 -2.60 -4.20
CA SER B 192 -19.43 -2.78 -5.25
C SER B 192 -20.81 -2.70 -4.65
N THR B 193 -21.83 -2.81 -5.50
CA THR B 193 -23.21 -2.88 -5.06
C THR B 193 -23.94 -3.87 -5.96
N SER B 194 -25.21 -4.13 -5.64
CA SER B 194 -26.08 -4.98 -6.44
C SER B 194 -27.32 -4.21 -6.87
N PRO B 195 -28.09 -4.69 -7.85
CA PRO B 195 -29.41 -4.10 -8.12
C PRO B 195 -30.19 -3.97 -6.81
N TYR B 196 -30.98 -2.90 -6.73
CA TYR B 196 -31.34 -2.27 -5.45
C TYR B 196 -31.87 -3.27 -4.43
N TYR B 197 -32.93 -3.99 -4.76
CA TYR B 197 -33.52 -4.86 -3.75
C TYR B 197 -33.08 -6.31 -3.90
N HIS B 198 -31.93 -6.55 -4.54
CA HIS B 198 -31.38 -7.90 -4.67
C HIS B 198 -32.37 -8.82 -5.40
N PRO B 199 -32.91 -8.44 -6.55
CA PRO B 199 -33.82 -9.33 -7.28
C PRO B 199 -33.04 -10.30 -8.17
N LEU B 200 -33.79 -11.23 -8.77
CA LEU B 200 -33.22 -12.11 -9.78
C LEU B 200 -33.40 -11.44 -11.13
N ILE B 201 -32.38 -10.69 -11.57
CA ILE B 201 -32.50 -9.90 -12.81
C ILE B 201 -32.87 -10.75 -14.02
N PRO B 202 -32.25 -11.92 -14.28
CA PRO B 202 -32.62 -12.68 -15.49
C PRO B 202 -34.11 -13.03 -15.58
N ILE B 203 -34.76 -13.29 -14.44
CA ILE B 203 -36.17 -13.63 -14.47
C ILE B 203 -37.02 -12.38 -14.71
N LEU B 204 -36.64 -11.26 -14.10
CA LEU B 204 -37.33 -10.01 -14.39
C LEU B 204 -37.23 -9.64 -15.87
N LEU B 205 -36.10 -9.93 -16.50
CA LEU B 205 -35.95 -9.61 -17.92
C LEU B 205 -36.67 -10.62 -18.81
N ASN B 206 -36.66 -11.90 -18.42
CA ASN B 206 -37.22 -12.95 -19.27
C ASN B 206 -37.41 -14.22 -18.46
N PRO B 207 -38.60 -14.45 -17.91
CA PRO B 207 -38.81 -15.65 -17.08
C PRO B 207 -38.56 -16.93 -17.83
N ASN B 208 -38.56 -16.91 -19.17
CA ASN B 208 -38.29 -18.11 -19.94
C ASN B 208 -36.85 -18.61 -19.77
N CYS B 209 -35.95 -17.77 -19.25
CA CYS B 209 -34.57 -18.22 -19.10
C CYS B 209 -34.45 -19.43 -18.17
N VAL B 210 -35.48 -19.69 -17.34
CA VAL B 210 -35.40 -20.84 -16.43
C VAL B 210 -35.33 -22.14 -17.20
N TYR B 211 -35.92 -22.19 -18.40
CA TYR B 211 -35.90 -23.40 -19.21
C TYR B 211 -34.50 -23.74 -19.73
N GLU B 212 -33.54 -22.83 -19.66
CA GLU B 212 -32.21 -23.15 -20.16
C GLU B 212 -31.53 -24.21 -19.29
N THR B 213 -31.89 -24.28 -18.01
CA THR B 213 -31.37 -25.31 -17.12
C THR B 213 -32.44 -26.27 -16.60
N THR B 214 -33.68 -25.80 -16.38
CA THR B 214 -34.77 -26.64 -15.90
C THR B 214 -35.91 -26.63 -16.91
N PRO B 215 -35.74 -27.29 -18.06
CA PRO B 215 -36.74 -27.18 -19.13
C PRO B 215 -38.11 -27.76 -18.77
N ASN B 216 -38.22 -28.60 -17.75
CA ASN B 216 -39.49 -29.20 -17.37
C ASN B 216 -40.14 -28.51 -16.16
N VAL B 217 -39.66 -27.35 -15.78
CA VAL B 217 -40.20 -26.67 -14.60
C VAL B 217 -41.51 -25.99 -14.95
N LYS B 218 -42.42 -25.95 -13.98
CA LYS B 218 -43.66 -25.22 -14.11
C LYS B 218 -43.55 -23.90 -13.35
N ILE B 219 -43.88 -22.80 -14.02
CA ILE B 219 -43.83 -21.48 -13.41
C ILE B 219 -45.16 -20.78 -13.71
N PRO B 220 -45.52 -19.76 -12.93
CA PRO B 220 -46.79 -19.06 -13.17
C PRO B 220 -46.80 -18.34 -14.51
N ASP B 221 -47.98 -17.83 -14.84
CA ASP B 221 -48.17 -17.07 -16.07
C ASP B 221 -47.72 -15.63 -15.83
N PHE B 222 -46.61 -15.24 -16.48
CA PHE B 222 -46.06 -13.89 -16.29
C PHE B 222 -46.85 -12.93 -17.18
N ALA B 223 -47.97 -12.47 -16.65
CA ALA B 223 -48.95 -11.70 -17.42
C ALA B 223 -48.59 -10.23 -17.57
N VAL B 224 -47.45 -9.78 -17.04
CA VAL B 224 -46.96 -8.42 -17.26
C VAL B 224 -45.45 -8.46 -17.36
N SER B 225 -44.88 -7.31 -17.72
CA SER B 225 -43.46 -7.19 -18.00
C SER B 225 -42.73 -6.59 -16.80
N PHE B 226 -41.67 -7.26 -16.37
CA PHE B 226 -40.80 -6.74 -15.33
C PHE B 226 -39.50 -6.19 -15.88
N ARG B 227 -39.39 -6.00 -17.20
CA ARG B 227 -38.12 -5.62 -17.81
C ARG B 227 -37.68 -4.23 -17.37
N GLU B 228 -38.62 -3.28 -17.29
CA GLU B 228 -38.19 -1.95 -16.89
C GLU B 228 -37.94 -1.87 -15.39
N ASP B 229 -38.56 -2.77 -14.60
CA ASP B 229 -38.23 -2.87 -13.19
C ASP B 229 -36.78 -3.34 -12.99
N ALA B 230 -36.33 -4.31 -13.80
CA ALA B 230 -34.94 -4.71 -13.77
C ALA B 230 -34.00 -3.54 -14.05
N SER B 231 -34.32 -2.73 -15.07
CA SER B 231 -33.55 -1.50 -15.30
C SER B 231 -33.56 -0.60 -14.06
N LYS B 232 -34.74 -0.46 -13.42
CA LYS B 232 -34.86 0.41 -12.26
C LYS B 232 -34.02 -0.09 -11.09
N HIS B 233 -33.98 -1.41 -10.86
CA HIS B 233 -33.14 -1.95 -9.79
C HIS B 233 -31.67 -1.55 -10.01
N VAL B 234 -31.19 -1.68 -11.24
CA VAL B 234 -29.80 -1.34 -11.55
C VAL B 234 -29.57 0.17 -11.44
N GLU B 235 -30.48 0.97 -11.98
CA GLU B 235 -30.26 2.42 -12.01
C GLU B 235 -30.31 3.02 -10.61
N LEU B 236 -31.28 2.60 -9.79
CA LEU B 236 -31.40 3.15 -8.45
C LEU B 236 -30.23 2.73 -7.58
N ALA B 237 -29.70 1.52 -7.82
CA ALA B 237 -28.52 1.07 -7.11
C ALA B 237 -27.31 1.93 -7.45
N LYS B 238 -27.16 2.30 -8.72
CA LYS B 238 -26.08 3.19 -9.10
C LYS B 238 -26.20 4.53 -8.37
N GLU B 239 -27.43 5.03 -8.24
CA GLU B 239 -27.64 6.31 -7.56
C GLU B 239 -27.37 6.18 -6.07
N LYS B 240 -27.83 5.10 -5.45
CA LYS B 240 -27.60 4.92 -4.02
C LYS B 240 -26.11 4.80 -3.73
N TYR B 241 -25.41 3.99 -4.52
CA TYR B 241 -23.96 3.88 -4.36
C TYR B 241 -23.29 5.24 -4.54
N PHE B 242 -23.77 6.04 -5.51
CA PHE B 242 -23.18 7.35 -5.73
C PHE B 242 -23.40 8.27 -4.54
N GLU B 243 -24.56 8.16 -3.87
CA GLU B 243 -24.82 9.01 -2.72
C GLU B 243 -23.82 8.73 -1.60
N ILE B 244 -23.44 7.46 -1.43
CA ILE B 244 -22.58 7.09 -0.32
C ILE B 244 -21.11 7.37 -0.65
N PHE B 245 -20.67 7.04 -1.85
CA PHE B 245 -19.25 7.05 -2.17
C PHE B 245 -18.82 8.15 -3.13
N GLY B 246 -19.74 8.94 -3.68
CA GLY B 246 -19.36 9.96 -4.64
C GLY B 246 -18.75 9.40 -5.90
N GLU B 247 -19.18 8.20 -6.31
CA GLU B 247 -18.69 7.55 -7.51
C GLU B 247 -19.80 6.67 -8.04
N HIS B 248 -19.87 6.54 -9.37
CA HIS B 248 -20.77 5.53 -9.89
C HIS B 248 -20.11 4.15 -9.82
N PRO B 249 -20.87 3.09 -9.53
CA PRO B 249 -20.25 1.78 -9.33
C PRO B 249 -19.79 1.19 -10.66
N VAL B 250 -18.51 0.84 -10.71
CA VAL B 250 -17.96 0.16 -11.88
C VAL B 250 -18.14 -1.36 -11.79
N TYR B 251 -18.26 -1.91 -10.58
CA TYR B 251 -18.45 -3.32 -10.37
C TYR B 251 -19.78 -3.53 -9.66
N MET B 252 -20.49 -4.55 -10.09
CA MET B 252 -21.67 -5.02 -9.37
C MET B 252 -21.55 -6.51 -9.13
N TRP B 253 -22.05 -6.94 -7.97
CA TRP B 253 -22.32 -8.35 -7.73
C TRP B 253 -23.77 -8.65 -8.11
N PRO B 254 -24.02 -9.49 -9.10
CA PRO B 254 -25.38 -9.89 -9.41
C PRO B 254 -25.95 -10.78 -8.32
N PRO B 255 -27.14 -10.45 -7.82
CA PRO B 255 -27.75 -11.21 -6.72
C PRO B 255 -27.81 -12.70 -7.07
N GLU B 256 -27.37 -13.52 -6.10
CA GLU B 256 -27.34 -14.97 -6.25
C GLU B 256 -26.45 -15.40 -7.40
N ALA B 257 -25.48 -14.54 -7.78
CA ALA B 257 -24.59 -14.76 -8.91
C ALA B 257 -25.34 -14.94 -10.23
N SER B 258 -26.58 -14.44 -10.29
CA SER B 258 -27.45 -14.79 -11.39
C SER B 258 -27.10 -14.00 -12.64
N VAL B 259 -26.85 -14.70 -13.73
CA VAL B 259 -26.60 -14.08 -15.02
C VAL B 259 -27.43 -14.79 -16.06
N SER B 260 -27.61 -14.10 -17.19
CA SER B 260 -28.18 -14.59 -18.43
C SER B 260 -27.59 -13.71 -19.52
N ASN B 261 -27.69 -14.15 -20.77
CA ASN B 261 -27.20 -13.32 -21.86
C ASN B 261 -27.87 -11.94 -21.82
N GLU B 262 -29.18 -11.91 -21.53
CA GLU B 262 -29.90 -10.64 -21.45
C GLU B 262 -29.46 -9.82 -20.23
N ALA B 263 -29.26 -10.46 -19.08
CA ALA B 263 -28.84 -9.70 -17.90
C ALA B 263 -27.47 -9.07 -18.09
N LEU B 264 -26.53 -9.80 -18.69
CA LEU B 264 -25.20 -9.24 -18.92
C LEU B 264 -25.27 -8.03 -19.84
N GLU B 265 -26.15 -8.07 -20.84
CA GLU B 265 -26.35 -6.92 -21.70
C GLU B 265 -26.86 -5.71 -20.92
N LEU B 266 -27.79 -5.95 -19.98
CA LEU B 266 -28.31 -4.85 -19.18
C LEU B 266 -27.23 -4.24 -18.29
N TYR B 267 -26.42 -5.06 -17.62
CA TYR B 267 -25.32 -4.51 -16.82
C TYR B 267 -24.37 -3.70 -17.69
N TYR B 268 -24.05 -4.20 -18.89
CA TYR B 268 -23.18 -3.49 -19.82
C TYR B 268 -23.80 -2.14 -20.22
N GLU B 269 -25.09 -2.13 -20.54
CA GLU B 269 -25.71 -0.90 -21.03
C GLU B 269 -25.82 0.16 -19.94
N LYS B 270 -25.88 -0.25 -18.68
CA LYS B 270 -25.92 0.71 -17.58
C LYS B 270 -24.53 1.10 -17.09
N GLY B 271 -23.47 0.75 -17.82
CA GLY B 271 -22.13 1.20 -17.51
C GLY B 271 -21.32 0.31 -16.60
N ILE B 272 -21.81 -0.88 -16.26
CA ILE B 272 -21.05 -1.80 -15.41
C ILE B 272 -19.93 -2.44 -16.24
N ASN B 273 -18.70 -2.31 -15.76
CA ASN B 273 -17.54 -2.82 -16.50
C ASN B 273 -17.14 -4.22 -16.07
N MET B 274 -17.45 -4.62 -14.84
CA MET B 274 -17.07 -5.97 -14.43
C MET B 274 -18.12 -6.52 -13.45
N LEU B 275 -18.30 -7.84 -13.52
CA LEU B 275 -19.05 -8.54 -12.49
C LEU B 275 -18.40 -9.89 -12.28
N ALA B 276 -18.92 -10.63 -11.31
CA ALA B 276 -18.52 -12.01 -11.12
C ALA B 276 -19.77 -12.86 -11.03
N THR B 277 -19.62 -14.16 -11.25
CA THR B 277 -20.73 -15.08 -11.13
C THR B 277 -20.13 -16.42 -10.70
N ASP B 278 -20.87 -17.51 -10.91
CA ASP B 278 -20.54 -18.79 -10.29
C ASP B 278 -19.91 -19.78 -11.27
N GLU B 279 -19.01 -20.62 -10.74
CA GLU B 279 -18.31 -21.62 -11.54
C GLU B 279 -19.26 -22.63 -12.20
N VAL B 280 -20.39 -22.93 -11.57
CA VAL B 280 -21.34 -23.86 -12.19
C VAL B 280 -21.87 -23.28 -13.50
N ILE B 281 -22.17 -21.98 -13.49
CA ILE B 281 -22.60 -21.29 -14.70
C ILE B 281 -21.50 -21.35 -15.76
N LEU B 282 -20.25 -21.14 -15.35
CA LEU B 282 -19.13 -21.30 -16.27
C LEU B 282 -19.13 -22.69 -16.89
N LYS B 283 -19.23 -23.73 -16.06
CA LYS B 283 -19.22 -25.09 -16.58
C LYS B 283 -20.39 -25.34 -17.51
N ASN B 284 -21.58 -24.86 -17.13
CA ASN B 284 -22.78 -24.97 -17.96
C ASN B 284 -22.68 -24.21 -19.28
N SER B 285 -21.78 -23.23 -19.37
CA SER B 285 -21.73 -22.33 -20.52
C SER B 285 -20.54 -22.56 -21.43
N VAL B 286 -19.39 -22.93 -20.89
CA VAL B 286 -18.16 -23.10 -21.66
C VAL B 286 -17.60 -24.49 -21.38
N GLU B 287 -17.20 -25.18 -22.43
CA GLU B 287 -16.83 -26.58 -22.24
C GLU B 287 -15.51 -26.70 -21.50
N ARG B 288 -14.49 -25.98 -21.95
CA ARG B 288 -13.14 -26.09 -21.41
C ARG B 288 -12.82 -24.83 -20.62
N ALA B 289 -13.35 -24.79 -19.42
CA ALA B 289 -13.53 -23.53 -18.72
C ALA B 289 -12.73 -23.55 -17.43
N SER B 290 -11.66 -22.85 -17.43
CA SER B 290 -10.88 -22.60 -16.22
C SER B 290 -11.45 -21.37 -15.51
N PRO B 291 -11.75 -21.45 -14.21
CA PRO B 291 -12.24 -20.27 -13.48
C PRO B 291 -11.14 -19.26 -13.15
N TYR B 292 -9.92 -19.48 -13.60
CA TYR B 292 -8.79 -18.66 -13.19
C TYR B 292 -8.42 -17.62 -14.25
N LEU B 293 -9.27 -17.44 -15.26
CA LEU B 293 -9.09 -16.48 -16.32
C LEU B 293 -9.99 -15.27 -16.07
N ARG B 294 -9.60 -14.14 -16.64
CA ARG B 294 -10.53 -13.03 -16.82
C ARG B 294 -11.28 -13.26 -18.12
N TYR B 295 -12.60 -13.28 -18.05
CA TYR B 295 -13.41 -13.50 -19.25
C TYR B 295 -14.00 -12.17 -19.74
N TYR B 296 -14.21 -12.09 -21.06
CA TYR B 296 -14.89 -10.97 -21.70
C TYR B 296 -16.13 -11.50 -22.41
N PHE B 297 -17.31 -11.14 -21.89
CA PHE B 297 -18.55 -11.55 -22.53
C PHE B 297 -18.77 -10.66 -23.75
N ARG B 298 -18.60 -11.24 -24.93
CA ARG B 298 -18.85 -10.55 -26.20
C ARG B 298 -18.06 -9.25 -26.30
N GLU B 299 -16.92 -9.17 -25.60
CA GLU B 299 -16.06 -7.98 -25.54
C GLU B 299 -16.78 -6.75 -25.00
N LEU B 300 -17.88 -6.96 -24.27
CA LEU B 300 -18.67 -5.85 -23.74
C LEU B 300 -18.48 -5.64 -22.25
N ILE B 301 -18.22 -6.71 -21.50
CA ILE B 301 -18.16 -6.62 -20.05
C ILE B 301 -17.26 -7.73 -19.55
N SER B 302 -16.47 -7.41 -18.54
CA SER B 302 -15.53 -8.36 -17.97
C SER B 302 -16.22 -9.18 -16.89
N VAL B 303 -15.98 -10.48 -16.90
CA VAL B 303 -16.62 -11.42 -15.99
C VAL B 303 -15.55 -12.33 -15.40
N PHE B 304 -15.50 -12.42 -14.07
CA PHE B 304 -14.76 -13.46 -13.39
C PHE B 304 -15.74 -14.50 -12.84
N PHE B 305 -15.31 -15.75 -12.82
CA PHE B 305 -16.13 -16.82 -12.28
C PHE B 305 -15.50 -17.24 -10.96
N ARG B 306 -16.27 -17.20 -9.88
CA ARG B 306 -15.71 -17.45 -8.56
C ARG B 306 -15.29 -18.91 -8.44
N ASP B 307 -14.31 -19.16 -7.58
CA ASP B 307 -13.89 -20.53 -7.29
C ASP B 307 -14.90 -21.09 -6.30
N LYS B 308 -15.80 -21.95 -6.79
CA LYS B 308 -16.88 -22.44 -5.93
C LYS B 308 -16.33 -23.16 -4.71
N THR B 309 -15.28 -23.98 -4.90
CA THR B 309 -14.81 -24.83 -3.81
C THR B 309 -14.22 -24.00 -2.67
N LEU B 310 -13.33 -23.06 -2.99
CA LEU B 310 -12.75 -22.21 -1.96
C LEU B 310 -13.80 -21.35 -1.28
N SER B 311 -14.75 -20.84 -2.07
CA SER B 311 -15.82 -20.03 -1.49
C SER B 311 -16.69 -20.88 -0.56
N ASP B 312 -17.02 -22.10 -0.97
CA ASP B 312 -17.82 -23.00 -0.13
C ASP B 312 -17.08 -23.44 1.14
N LEU B 313 -15.76 -23.64 1.06
CA LEU B 313 -15.03 -24.02 2.27
C LEU B 313 -15.20 -22.98 3.37
N ILE B 314 -14.94 -21.71 3.05
CA ILE B 314 -15.06 -20.67 4.09
C ILE B 314 -16.51 -20.56 4.53
N GLY B 315 -17.43 -20.58 3.57
CA GLY B 315 -18.80 -20.24 3.87
C GLY B 315 -19.56 -21.32 4.61
N PHE B 316 -19.21 -22.58 4.37
CA PHE B 316 -19.99 -23.70 4.87
C PHE B 316 -19.17 -24.80 5.52
N SER B 317 -17.87 -24.88 5.27
CA SER B 317 -17.06 -26.01 5.71
C SER B 317 -16.24 -25.72 6.96
N TYR B 318 -15.44 -24.64 6.93
CA TYR B 318 -14.37 -24.48 7.90
C TYR B 318 -14.87 -24.15 9.31
N HIS B 319 -16.15 -23.87 9.49
CA HIS B 319 -16.69 -23.76 10.85
C HIS B 319 -16.45 -25.05 11.64
N ALA B 320 -16.42 -26.19 10.95
CA ALA B 320 -16.26 -27.49 11.60
C ALA B 320 -14.80 -27.91 11.74
N TRP B 321 -13.86 -27.03 11.41
CA TRP B 321 -12.44 -27.33 11.45
C TRP B 321 -11.75 -26.50 12.53
N ASN B 322 -10.66 -27.05 13.05
CA ASN B 322 -9.67 -26.27 13.78
C ASN B 322 -9.16 -25.15 12.88
N ALA B 323 -8.92 -23.96 13.46
CA ALA B 323 -8.57 -22.79 12.66
C ALA B 323 -7.24 -22.99 11.93
N GLU B 324 -6.22 -23.51 12.60
CA GLU B 324 -4.94 -23.72 11.92
C GLU B 324 -5.07 -24.77 10.82
N ASP B 325 -5.89 -25.79 11.04
CA ASP B 325 -6.07 -26.82 10.02
C ASP B 325 -6.78 -26.26 8.79
N ALA B 326 -7.78 -25.41 9.01
CA ALA B 326 -8.51 -24.83 7.88
C ALA B 326 -7.61 -23.92 7.06
N VAL B 327 -6.78 -23.11 7.72
CA VAL B 327 -5.91 -22.19 6.97
C VAL B 327 -4.90 -22.96 6.15
N ARG B 328 -4.26 -23.96 6.77
CA ARG B 328 -3.35 -24.81 6.03
C ARG B 328 -4.05 -25.46 4.84
N ASP B 329 -5.31 -25.89 5.02
CA ASP B 329 -6.05 -26.52 3.94
C ASP B 329 -6.31 -25.53 2.82
N PHE B 330 -6.75 -24.32 3.18
CA PHE B 330 -7.00 -23.28 2.18
C PHE B 330 -5.74 -22.93 1.41
N ILE B 331 -4.63 -22.72 2.13
CA ILE B 331 -3.38 -22.32 1.48
C ILE B 331 -2.84 -23.46 0.62
N GLY B 332 -2.97 -24.71 1.07
CA GLY B 332 -2.54 -25.83 0.25
C GLY B 332 -3.30 -25.90 -1.07
N ARG B 333 -4.61 -25.61 -1.03
CA ARG B 333 -5.38 -25.58 -2.27
C ARG B 333 -4.91 -24.46 -3.20
N LEU B 334 -4.63 -23.28 -2.65
CA LEU B 334 -4.02 -22.22 -3.46
C LEU B 334 -2.68 -22.66 -4.03
N LYS B 335 -1.88 -23.37 -3.24
CA LYS B 335 -0.59 -23.84 -3.73
C LYS B 335 -0.76 -24.75 -4.93
N LYS B 336 -1.76 -25.64 -4.90
CA LYS B 336 -1.95 -26.58 -5.99
C LYS B 336 -2.46 -25.87 -7.25
N ILE B 337 -3.39 -24.92 -7.10
CA ILE B 337 -3.78 -24.07 -8.24
C ILE B 337 -2.55 -23.35 -8.81
N HIS B 338 -1.72 -22.80 -7.93
CA HIS B 338 -0.52 -22.09 -8.38
C HIS B 338 0.43 -23.00 -9.16
N GLU B 339 0.60 -24.25 -8.71
CA GLU B 339 1.49 -25.18 -9.41
C GLU B 339 0.85 -25.79 -10.64
N SER B 340 -0.48 -25.76 -10.76
CA SER B 340 -1.18 -26.47 -11.81
C SER B 340 -1.25 -25.70 -13.12
N VAL B 341 -0.89 -24.42 -13.14
CA VAL B 341 -1.05 -23.60 -14.33
C VAL B 341 0.29 -22.96 -14.69
N ASP B 342 0.44 -22.70 -15.98
CA ASP B 342 1.63 -22.04 -16.52
C ASP B 342 1.55 -20.52 -16.46
N PHE B 343 0.36 -19.96 -16.27
CA PHE B 343 0.12 -18.53 -16.18
C PHE B 343 -0.14 -18.15 -14.73
N GLN B 344 -0.41 -16.86 -14.51
CA GLN B 344 -0.73 -16.35 -13.19
C GLN B 344 -2.24 -16.39 -12.96
N PRO B 345 -2.76 -17.37 -12.23
CA PRO B 345 -4.20 -17.51 -12.09
C PRO B 345 -4.80 -16.38 -11.26
N VAL B 346 -6.05 -16.04 -11.56
CA VAL B 346 -6.86 -15.14 -10.75
C VAL B 346 -7.92 -15.98 -10.03
N VAL B 347 -7.97 -15.89 -8.71
CA VAL B 347 -8.80 -16.78 -7.90
C VAL B 347 -9.83 -15.95 -7.15
N PHE B 348 -11.08 -15.98 -7.60
CA PHE B 348 -12.14 -15.22 -6.94
C PHE B 348 -12.82 -16.04 -5.86
N VAL B 349 -12.77 -15.54 -4.62
CA VAL B 349 -13.44 -16.10 -3.47
C VAL B 349 -14.59 -15.14 -3.16
N VAL B 350 -15.81 -15.56 -3.49
CA VAL B 350 -16.98 -14.69 -3.39
C VAL B 350 -18.03 -15.42 -2.57
N LEU B 351 -18.45 -14.82 -1.46
CA LEU B 351 -19.50 -15.42 -0.65
C LEU B 351 -20.07 -14.34 0.25
N ASN B 352 -21.12 -14.65 0.95
CA ASN B 352 -21.67 -13.75 1.93
C ASN B 352 -20.64 -13.48 3.04
N GLY B 353 -20.57 -12.28 3.50
CA GLY B 353 -19.58 -11.86 4.46
C GLY B 353 -20.06 -11.80 5.89
N GLU B 354 -21.34 -12.10 6.15
CA GLU B 354 -21.87 -11.94 7.50
C GLU B 354 -22.55 -13.18 8.07
N ASN B 355 -22.75 -14.24 7.29
CA ASN B 355 -23.59 -15.36 7.71
C ASN B 355 -22.86 -16.55 8.31
N CYS B 356 -21.60 -16.80 7.92
CA CYS B 356 -20.92 -18.01 8.37
C CYS B 356 -20.26 -17.87 9.74
N TRP B 357 -19.86 -16.66 10.13
CA TRP B 357 -18.97 -16.51 11.28
C TRP B 357 -19.63 -16.94 12.59
N GLU B 358 -20.95 -16.75 12.73
CA GLU B 358 -21.64 -17.16 13.97
C GLU B 358 -21.52 -18.65 14.25
N TYR B 359 -21.21 -19.47 13.25
CA TYR B 359 -21.01 -20.89 13.46
C TYR B 359 -19.54 -21.25 13.68
N TYR B 360 -18.63 -20.30 13.51
CA TYR B 360 -17.23 -20.53 13.83
C TYR B 360 -16.98 -20.33 15.32
N GLU B 361 -15.98 -21.04 15.84
CA GLU B 361 -15.55 -20.79 17.21
C GLU B 361 -15.00 -19.37 17.32
N GLU B 362 -15.41 -18.66 18.37
CA GLU B 362 -15.04 -17.27 18.58
C GLU B 362 -15.37 -16.40 17.37
N ASN B 363 -16.51 -16.66 16.74
CA ASN B 363 -17.08 -15.76 15.72
C ASN B 363 -16.14 -15.59 14.53
N GLY B 364 -15.35 -16.61 14.22
CA GLY B 364 -14.47 -16.60 13.07
C GLY B 364 -13.19 -15.81 13.24
N ILE B 365 -13.01 -15.16 14.39
CA ILE B 365 -11.83 -14.34 14.59
C ILE B 365 -10.53 -15.15 14.53
N PRO B 366 -10.41 -16.29 15.23
CA PRO B 366 -9.18 -17.09 15.07
C PRO B 366 -8.92 -17.50 13.64
N PHE B 367 -9.95 -17.90 12.91
CA PHE B 367 -9.78 -18.28 11.52
C PHE B 367 -9.30 -17.10 10.68
N LEU B 368 -10.03 -15.99 10.72
CA LEU B 368 -9.74 -14.88 9.81
C LEU B 368 -8.42 -14.21 10.16
N GLU B 369 -8.11 -14.06 11.45
CA GLU B 369 -6.83 -13.48 11.83
C GLU B 369 -5.68 -14.38 11.39
N LYS B 370 -5.85 -15.70 11.49
CA LYS B 370 -4.81 -16.60 11.01
C LYS B 370 -4.71 -16.58 9.49
N LEU B 371 -5.87 -16.65 8.82
CA LEU B 371 -5.86 -16.64 7.35
C LEU B 371 -5.19 -15.37 6.82
N TYR B 372 -5.63 -14.21 7.31
CA TYR B 372 -5.10 -12.94 6.82
C TYR B 372 -3.62 -12.77 7.16
N SER B 373 -3.21 -13.23 8.34
CA SER B 373 -1.80 -13.12 8.73
C SER B 373 -0.93 -14.03 7.87
N THR B 374 -1.44 -15.22 7.54
CA THR B 374 -0.72 -16.13 6.65
C THR B 374 -0.65 -15.57 5.23
N LEU B 375 -1.77 -15.06 4.72
CA LEU B 375 -1.80 -14.54 3.36
C LEU B 375 -0.82 -13.39 3.17
N GLU B 376 -0.72 -12.50 4.16
CA GLU B 376 0.20 -11.37 4.01
C GLU B 376 1.66 -11.80 4.10
N LYS B 377 1.92 -13.05 4.46
CA LYS B 377 3.28 -13.58 4.52
C LYS B 377 3.69 -14.35 3.27
N GLU B 378 2.74 -14.78 2.44
CA GLU B 378 3.09 -15.60 1.29
C GLU B 378 3.51 -14.71 0.12
N GLU B 379 4.78 -14.84 -0.30
CA GLU B 379 5.31 -14.04 -1.39
C GLU B 379 4.67 -14.37 -2.73
N TRP B 380 4.18 -15.59 -2.90
CA TRP B 380 3.64 -16.04 -4.17
C TRP B 380 2.16 -15.73 -4.32
N ILE B 381 1.52 -15.17 -3.29
CA ILE B 381 0.12 -14.75 -3.34
C ILE B 381 0.07 -13.23 -3.29
N GLU B 382 -0.69 -12.62 -4.21
CA GLU B 382 -0.95 -11.19 -4.16
C GLU B 382 -2.46 -10.97 -4.15
N THR B 383 -2.99 -10.46 -3.04
CA THR B 383 -4.40 -10.08 -3.01
C THR B 383 -4.62 -8.79 -3.79
N LEU B 384 -5.79 -8.70 -4.43
CA LEU B 384 -6.13 -7.62 -5.36
C LEU B 384 -7.46 -6.98 -4.99
N THR B 385 -7.55 -5.68 -5.22
CA THR B 385 -8.86 -5.05 -5.28
C THR B 385 -9.54 -5.46 -6.57
N LEU B 386 -10.88 -5.28 -6.62
CA LEU B 386 -11.58 -5.54 -7.87
C LEU B 386 -11.00 -4.71 -9.01
N GLU B 387 -10.63 -3.45 -8.72
CA GLU B 387 -10.02 -2.58 -9.72
C GLU B 387 -8.77 -3.21 -10.31
N GLU B 388 -7.89 -3.73 -9.45
CA GLU B 388 -6.66 -4.35 -9.94
C GLU B 388 -6.95 -5.61 -10.73
N ALA B 389 -7.90 -6.43 -10.26
CA ALA B 389 -8.27 -7.65 -10.99
C ALA B 389 -8.84 -7.34 -12.36
N MET B 390 -9.66 -6.28 -12.45
CA MET B 390 -10.29 -5.92 -13.71
C MET B 390 -9.27 -5.42 -14.74
N ARG B 391 -8.19 -4.78 -14.29
CA ARG B 391 -7.26 -4.10 -15.19
C ARG B 391 -5.91 -4.79 -15.31
N LYS B 392 -5.66 -5.82 -14.52
CA LYS B 392 -4.35 -6.47 -14.50
C LYS B 392 -3.97 -7.02 -15.87
N GLU B 393 -2.79 -6.64 -16.34
CA GLU B 393 -2.38 -7.01 -17.70
C GLU B 393 -1.84 -8.44 -17.78
N ASP B 394 -1.13 -8.88 -16.75
CA ASP B 394 -0.37 -10.13 -16.83
C ASP B 394 -1.20 -11.31 -16.33
N VAL B 395 -2.35 -11.51 -16.96
CA VAL B 395 -3.25 -12.62 -16.65
C VAL B 395 -3.77 -13.19 -17.96
N LYS B 396 -4.23 -14.44 -17.90
CA LYS B 396 -4.81 -15.09 -19.06
C LYS B 396 -6.27 -14.68 -19.21
N THR B 397 -6.70 -14.47 -20.47
CA THR B 397 -8.05 -13.99 -20.76
C THR B 397 -8.71 -14.87 -21.80
N GLU B 398 -10.05 -14.78 -21.87
CA GLU B 398 -10.81 -15.55 -22.84
C GLU B 398 -12.11 -14.82 -23.18
N VAL B 399 -12.47 -14.81 -24.44
CA VAL B 399 -13.75 -14.22 -24.87
C VAL B 399 -14.80 -15.31 -24.90
N ILE B 400 -15.96 -15.04 -24.32
CA ILE B 400 -17.10 -15.94 -24.40
C ILE B 400 -18.30 -15.21 -24.99
N GLU B 401 -19.14 -15.94 -25.73
CA GLU B 401 -20.26 -15.35 -26.45
C GLU B 401 -21.62 -15.69 -25.87
N SER B 402 -21.71 -16.65 -24.95
CA SER B 402 -23.01 -17.07 -24.46
C SER B 402 -22.87 -17.72 -23.09
N VAL B 403 -23.83 -17.43 -22.21
CA VAL B 403 -23.93 -18.10 -20.91
C VAL B 403 -25.30 -18.74 -20.82
N LYS B 404 -25.37 -19.83 -20.05
CA LYS B 404 -26.65 -20.45 -19.72
C LYS B 404 -27.16 -19.89 -18.40
N ALA B 405 -28.39 -19.38 -18.40
CA ALA B 405 -28.90 -18.63 -17.25
C ALA B 405 -28.96 -19.51 -16.02
N GLY B 406 -28.54 -18.97 -14.88
CA GLY B 406 -28.56 -19.72 -13.65
C GLY B 406 -28.19 -18.83 -12.49
N THR B 407 -28.03 -19.47 -11.33
CA THR B 407 -27.57 -18.84 -10.10
C THR B 407 -26.46 -19.71 -9.53
N TRP B 408 -25.93 -19.30 -8.37
CA TRP B 408 -24.95 -20.14 -7.70
C TRP B 408 -25.61 -21.26 -6.88
N PHE B 409 -26.93 -21.34 -6.87
CA PHE B 409 -27.62 -22.52 -6.35
C PHE B 409 -27.79 -23.51 -7.50
N ASP B 410 -26.84 -24.44 -7.62
CA ASP B 410 -26.87 -25.53 -8.60
C ASP B 410 -26.97 -25.05 -10.04
N GLY B 411 -26.61 -23.79 -10.31
CA GLY B 411 -26.75 -23.25 -11.65
C GLY B 411 -28.16 -23.10 -12.17
N ASN B 412 -29.17 -23.07 -11.30
CA ASN B 412 -30.55 -22.95 -11.77
C ASN B 412 -31.33 -22.05 -10.82
N PHE B 413 -32.63 -21.89 -11.10
CA PHE B 413 -33.48 -20.96 -10.35
C PHE B 413 -34.47 -21.67 -9.43
N LEU B 414 -34.31 -22.98 -9.20
CA LEU B 414 -35.31 -23.72 -8.44
C LEU B 414 -35.43 -23.25 -6.99
N LYS B 415 -34.49 -22.44 -6.49
CA LYS B 415 -34.58 -21.96 -5.12
C LYS B 415 -35.55 -20.79 -4.95
N TRP B 416 -35.97 -20.15 -6.04
CA TRP B 416 -36.86 -19.00 -5.96
C TRP B 416 -38.12 -19.14 -6.80
N ILE B 417 -38.25 -20.23 -7.55
CA ILE B 417 -39.39 -20.44 -8.43
C ILE B 417 -39.41 -21.91 -8.79
N GLY B 418 -40.59 -22.41 -9.16
CA GLY B 418 -40.72 -23.76 -9.68
C GLY B 418 -41.48 -24.74 -8.81
N ASN B 419 -41.80 -24.42 -7.56
CA ASN B 419 -42.69 -25.27 -6.78
C ASN B 419 -43.92 -24.47 -6.36
N LYS B 420 -44.92 -25.19 -5.84
CA LYS B 420 -46.24 -24.60 -5.62
C LYS B 420 -46.17 -23.34 -4.76
N GLU B 421 -45.40 -23.40 -3.66
CA GLU B 421 -45.30 -22.28 -2.74
C GLU B 421 -44.62 -21.09 -3.39
N LYS B 422 -43.44 -21.32 -4.00
CA LYS B 422 -42.71 -20.21 -4.60
C LYS B 422 -43.45 -19.63 -5.79
N ASN B 423 -44.16 -20.48 -6.54
CA ASN B 423 -44.94 -19.98 -7.68
C ASN B 423 -46.05 -19.05 -7.22
N GLU B 424 -46.72 -19.38 -6.11
CA GLU B 424 -47.82 -18.54 -5.63
C GLU B 424 -47.34 -17.13 -5.31
N TYR B 425 -46.13 -17.01 -4.74
CA TYR B 425 -45.57 -15.69 -4.49
C TYR B 425 -45.39 -14.91 -5.79
N TRP B 426 -44.82 -15.56 -6.81
CA TRP B 426 -44.69 -14.91 -8.11
C TRP B 426 -46.05 -14.53 -8.67
N LYS B 427 -47.03 -15.43 -8.53
CA LYS B 427 -48.39 -15.11 -8.93
C LYS B 427 -48.90 -13.85 -8.22
N ILE B 428 -48.71 -13.77 -6.90
CA ILE B 428 -49.09 -12.56 -6.17
C ILE B 428 -48.34 -11.36 -6.70
N LEU B 429 -47.03 -11.52 -6.92
CA LEU B 429 -46.23 -10.42 -7.47
C LEU B 429 -46.76 -9.98 -8.83
N ILE B 430 -47.07 -10.93 -9.70
CA ILE B 430 -47.57 -10.59 -11.04
C ILE B 430 -48.88 -9.83 -10.94
N GLU B 431 -49.81 -10.30 -10.10
CA GLU B 431 -51.11 -9.65 -10.02
C GLU B 431 -51.00 -8.27 -9.38
N ALA B 432 -50.14 -8.11 -8.37
CA ALA B 432 -49.95 -6.79 -7.75
C ALA B 432 -49.22 -5.84 -8.69
N LYS B 433 -48.32 -6.36 -9.53
CA LYS B 433 -47.62 -5.50 -10.48
C LYS B 433 -48.59 -4.80 -11.43
N LYS B 434 -49.68 -5.47 -11.81
CA LYS B 434 -50.68 -4.87 -12.70
C LYS B 434 -51.34 -3.65 -12.09
N LYS B 435 -51.36 -3.53 -10.76
CA LYS B 435 -52.00 -2.42 -10.08
C LYS B 435 -51.00 -1.65 -9.20
N ALA B 436 -49.71 -1.80 -9.46
CA ALA B 436 -48.72 -1.10 -8.66
C ALA B 436 -48.73 0.39 -8.97
N LYS B 437 -48.51 1.21 -7.94
CA LYS B 437 -48.51 2.65 -8.10
C LYS B 437 -47.30 3.33 -7.47
N ASN B 438 -46.37 2.56 -6.93
CA ASN B 438 -45.17 3.12 -6.34
C ASN B 438 -44.08 2.05 -6.34
N ASP B 439 -42.91 2.40 -5.82
CA ASP B 439 -41.75 1.53 -5.90
C ASP B 439 -41.73 0.44 -4.84
N TYR B 440 -42.77 0.28 -4.02
CA TYR B 440 -42.79 -0.86 -3.13
C TYR B 440 -42.91 -2.16 -3.90
N ILE B 441 -43.35 -2.11 -5.16
CA ILE B 441 -43.31 -3.29 -6.02
C ILE B 441 -41.86 -3.75 -6.23
N LEU B 442 -40.91 -2.81 -6.24
CA LEU B 442 -39.51 -3.21 -6.37
C LEU B 442 -39.03 -3.91 -5.10
N VAL B 443 -39.48 -3.44 -3.92
CA VAL B 443 -39.11 -4.10 -2.66
C VAL B 443 -39.55 -5.55 -2.68
N ALA B 444 -40.78 -5.80 -3.16
CA ALA B 444 -41.35 -7.13 -3.20
C ALA B 444 -40.67 -8.02 -4.23
N GLU B 445 -39.89 -7.45 -5.14
CA GLU B 445 -39.13 -8.25 -6.09
C GLU B 445 -37.80 -8.75 -5.54
N GLY B 446 -37.46 -8.43 -4.29
CA GLY B 446 -36.26 -8.98 -3.70
C GLY B 446 -36.30 -10.50 -3.66
N SER B 447 -35.13 -11.12 -3.89
CA SER B 447 -35.07 -12.58 -3.94
C SER B 447 -35.42 -13.22 -2.61
N ASP B 448 -35.22 -12.51 -1.50
CA ASP B 448 -35.33 -13.13 -0.19
C ASP B 448 -36.74 -13.65 0.08
N TRP B 449 -37.76 -12.93 -0.38
CA TRP B 449 -39.13 -13.34 -0.13
C TRP B 449 -39.43 -14.71 -0.72
N PHE B 450 -38.92 -14.97 -1.92
CA PHE B 450 -39.13 -16.24 -2.61
C PHE B 450 -38.22 -17.33 -2.07
N TRP B 451 -37.05 -16.94 -1.57
CA TRP B 451 -36.12 -17.90 -0.99
C TRP B 451 -36.76 -18.66 0.16
N TRP B 452 -37.43 -17.94 1.07
CA TRP B 452 -37.95 -18.55 2.28
C TRP B 452 -39.29 -19.23 2.07
N GLN B 453 -40.03 -18.86 1.03
CA GLN B 453 -41.43 -19.28 0.90
C GLN B 453 -41.53 -20.42 -0.11
N GLY B 454 -41.09 -21.59 0.34
CA GLY B 454 -41.19 -22.81 -0.42
C GLY B 454 -40.34 -23.92 0.16
N GLU B 455 -40.19 -23.92 1.49
CA GLU B 455 -39.22 -24.80 2.14
C GLU B 455 -39.73 -25.18 3.53
N GLU B 456 -38.89 -25.92 4.25
CA GLU B 456 -39.13 -26.28 5.63
C GLU B 456 -39.38 -25.04 6.48
N LYS B 457 -40.56 -24.99 7.11
CA LYS B 457 -41.02 -23.79 7.79
C LYS B 457 -40.29 -23.62 9.13
N ALA B 458 -39.59 -22.51 9.26
CA ALA B 458 -38.73 -22.19 10.39
C ALA B 458 -39.41 -21.19 11.32
N PRO B 459 -38.89 -21.01 12.55
CA PRO B 459 -39.59 -20.18 13.55
C PRO B 459 -39.81 -18.71 13.25
N PHE B 460 -39.32 -18.16 12.12
CA PHE B 460 -39.59 -16.76 11.83
C PHE B 460 -39.93 -16.47 10.38
N VAL B 461 -40.15 -17.48 9.55
CA VAL B 461 -40.55 -17.26 8.16
C VAL B 461 -41.94 -16.63 8.07
N GLU B 462 -42.73 -16.74 9.15
CA GLU B 462 -44.00 -16.02 9.20
C GLU B 462 -43.79 -14.51 9.04
N VAL B 463 -42.68 -13.99 9.57
CA VAL B 463 -42.42 -12.56 9.46
C VAL B 463 -42.07 -12.18 8.04
N PHE B 464 -41.29 -13.03 7.35
CA PHE B 464 -40.98 -12.77 5.95
C PHE B 464 -42.24 -12.73 5.09
N ASP B 465 -43.19 -13.62 5.37
CA ASP B 465 -44.46 -13.58 4.65
C ASP B 465 -45.26 -12.33 4.99
N LYS B 466 -45.25 -11.92 6.26
CA LYS B 466 -45.93 -10.69 6.65
C LYS B 466 -45.35 -9.48 5.92
N LEU B 467 -44.03 -9.41 5.81
CA LEU B 467 -43.39 -8.29 5.12
C LEU B 467 -43.72 -8.28 3.64
N PHE B 468 -43.57 -9.42 2.95
CA PHE B 468 -43.88 -9.48 1.53
C PHE B 468 -45.32 -9.06 1.25
N ARG B 469 -46.27 -9.60 2.02
CA ARG B 469 -47.67 -9.20 1.85
C ARG B 469 -47.88 -7.72 2.13
N SER B 470 -47.14 -7.19 3.11
CA SER B 470 -47.24 -5.77 3.43
C SER B 470 -46.74 -4.91 2.28
N PHE B 471 -45.57 -5.26 1.73
CA PHE B 471 -45.02 -4.52 0.60
C PHE B 471 -45.91 -4.63 -0.63
N VAL B 472 -46.48 -5.82 -0.87
CA VAL B 472 -47.34 -6.00 -2.03
C VAL B 472 -48.62 -5.18 -1.88
N ARG B 473 -49.16 -5.12 -0.66
CA ARG B 473 -50.36 -4.30 -0.45
C ARG B 473 -50.04 -2.82 -0.58
N ARG B 474 -48.96 -2.38 0.07
CA ARG B 474 -48.56 -0.99 0.01
C ARG B 474 -48.25 -0.54 -1.42
N ALA B 475 -47.65 -1.42 -2.22
CA ALA B 475 -47.27 -1.06 -3.58
C ALA B 475 -48.47 -0.69 -4.45
N GLN B 476 -49.67 -1.12 -4.06
CA GLN B 476 -50.89 -0.81 -4.78
C GLN B 476 -51.66 0.36 -4.19
N GLU B 477 -51.11 1.02 -3.17
CA GLU B 477 -51.77 2.16 -2.54
C GLU B 477 -50.95 3.44 -2.71
#